data_6KHV
#
_entry.id   6KHV
#
_entity_poly.entity_id   1
_entity_poly.type   'polypeptide(L)'
_entity_poly.pdbx_seq_one_letter_code
;VDEPESMVNLAFVKNDSYEKGPDSVVVHVYVKEICRDTSRVLFREQDFTLIFQTRDGNFLRLHPGCGPHTTFRWQVKLRN
LIEPEQCTFCFTASRIDICLRKRQSQRWGGLEAP
;
_entity_poly.pdbx_strand_id   A
#
# COMPACT_ATOMS: atom_id res chain seq x y z
N VAL A 1 -1.72 15.46 16.40
CA VAL A 1 -1.03 14.40 15.62
C VAL A 1 -0.61 13.26 16.53
N ASP A 2 -0.79 13.49 17.81
CA ASP A 2 -0.48 12.50 18.83
C ASP A 2 -1.69 11.61 19.09
N GLU A 3 -2.86 12.23 19.10
CA GLU A 3 -4.12 11.51 19.20
C GLU A 3 -4.88 11.60 17.89
N PRO A 4 -4.86 10.52 17.11
CA PRO A 4 -5.64 10.43 15.89
C PRO A 4 -7.13 10.29 16.20
N GLU A 5 -7.48 9.25 16.96
CA GLU A 5 -8.87 8.99 17.33
C GLU A 5 -9.77 8.97 16.10
N SER A 6 -9.22 8.51 14.99
CA SER A 6 -9.95 8.45 13.74
C SER A 6 -9.36 7.39 12.84
N MET A 7 -10.25 6.69 12.14
CA MET A 7 -9.85 5.74 11.12
C MET A 7 -10.67 5.99 9.87
N VAL A 8 -10.04 6.53 8.84
CA VAL A 8 -10.73 6.81 7.60
C VAL A 8 -10.39 5.78 6.54
N ASN A 9 -11.40 5.33 5.84
CA ASN A 9 -11.20 4.38 4.75
C ASN A 9 -11.17 5.14 3.43
N LEU A 10 -10.09 4.97 2.70
CA LEU A 10 -9.86 5.73 1.49
C LEU A 10 -10.56 5.05 0.30
N ALA A 11 -11.11 5.86 -0.59
CA ALA A 11 -11.82 5.35 -1.75
C ALA A 11 -11.06 5.64 -3.03
N PHE A 12 -10.13 6.58 -2.95
CA PHE A 12 -9.32 6.95 -4.11
C PHE A 12 -7.88 6.54 -3.89
N VAL A 13 -7.30 5.84 -4.84
CA VAL A 13 -5.91 5.42 -4.75
C VAL A 13 -5.13 5.97 -5.93
N LYS A 14 -3.84 6.23 -5.73
CA LYS A 14 -2.98 6.70 -6.79
C LYS A 14 -1.81 5.73 -6.95
N ASN A 15 -1.96 4.77 -7.84
CA ASN A 15 -0.92 3.77 -8.07
C ASN A 15 -1.07 3.15 -9.45
N ASP A 16 -0.09 2.35 -9.83
CA ASP A 16 -0.25 1.48 -10.99
C ASP A 16 0.45 0.16 -10.75
N SER A 17 -0.19 -0.93 -11.16
CA SER A 17 0.32 -2.26 -10.91
C SER A 17 0.51 -3.03 -12.21
N TYR A 18 1.54 -3.86 -12.24
CA TYR A 18 1.74 -4.81 -13.32
C TYR A 18 2.50 -6.03 -12.82
N GLU A 19 2.34 -7.12 -13.51
CA GLU A 19 2.98 -8.36 -13.12
C GLU A 19 4.22 -8.59 -13.99
N LYS A 20 5.34 -8.81 -13.33
CA LYS A 20 6.63 -8.85 -13.99
C LYS A 20 7.34 -10.15 -13.65
N GLY A 21 7.60 -10.94 -14.68
CA GLY A 21 8.21 -12.24 -14.47
C GLY A 21 7.15 -13.31 -14.27
N PRO A 22 7.57 -14.57 -14.07
CA PRO A 22 6.63 -15.69 -13.94
C PRO A 22 5.84 -15.65 -12.63
N ASP A 23 6.51 -15.31 -11.53
CA ASP A 23 5.90 -15.41 -10.22
C ASP A 23 5.87 -14.07 -9.50
N SER A 24 6.23 -13.00 -10.18
CA SER A 24 6.38 -11.72 -9.50
C SER A 24 5.44 -10.67 -10.05
N VAL A 25 5.05 -9.77 -9.17
CA VAL A 25 4.19 -8.65 -9.49
C VAL A 25 4.68 -7.43 -8.74
N VAL A 26 5.06 -6.39 -9.47
CA VAL A 26 5.63 -5.21 -8.84
C VAL A 26 4.78 -3.98 -9.13
N VAL A 27 4.46 -3.26 -8.08
CA VAL A 27 3.57 -2.12 -8.15
C VAL A 27 4.24 -0.91 -7.56
N HIS A 28 3.82 0.28 -7.98
CA HIS A 28 4.25 1.48 -7.29
C HIS A 28 3.08 2.37 -6.96
N VAL A 29 2.92 2.59 -5.67
CA VAL A 29 1.90 3.45 -5.15
C VAL A 29 2.45 4.86 -4.96
N TYR A 30 1.67 5.86 -5.31
CA TYR A 30 2.10 7.22 -5.13
C TYR A 30 1.63 7.71 -3.78
N VAL A 31 2.55 7.74 -2.83
CA VAL A 31 2.24 8.19 -1.49
C VAL A 31 3.19 9.31 -1.11
N LYS A 32 2.63 10.50 -0.97
CA LYS A 32 3.40 11.71 -0.81
C LYS A 32 2.84 12.56 0.31
N GLU A 33 3.65 13.50 0.79
CA GLU A 33 3.25 14.44 1.83
C GLU A 33 2.74 13.69 3.06
N ILE A 34 3.39 12.58 3.36
CA ILE A 34 2.95 11.69 4.41
C ILE A 34 3.75 11.87 5.69
N CYS A 35 3.05 11.89 6.81
CA CYS A 35 3.70 11.85 8.10
C CYS A 35 4.22 10.44 8.33
N ARG A 36 5.48 10.22 7.95
CA ARG A 36 6.09 8.90 7.97
C ARG A 36 6.17 8.34 9.39
N ASP A 37 6.06 9.24 10.36
CA ASP A 37 6.02 8.87 11.77
C ASP A 37 4.77 8.06 12.08
N THR A 38 3.76 8.19 11.25
CA THR A 38 2.47 7.59 11.52
C THR A 38 2.05 6.65 10.40
N SER A 39 2.92 6.52 9.41
CA SER A 39 2.65 5.67 8.27
C SER A 39 3.00 4.22 8.60
N ARG A 40 1.96 3.41 8.72
CA ARG A 40 2.13 2.02 9.13
C ARG A 40 1.58 1.07 8.07
N VAL A 41 2.09 -0.14 8.04
CA VAL A 41 1.61 -1.16 7.12
C VAL A 41 1.25 -2.42 7.88
N LEU A 42 0.01 -2.87 7.72
CA LEU A 42 -0.43 -4.12 8.30
C LEU A 42 -0.58 -5.13 7.19
N PHE A 43 0.29 -6.12 7.15
CA PHE A 43 0.30 -7.08 6.06
C PHE A 43 0.21 -8.50 6.57
N ARG A 44 -0.35 -9.37 5.76
CA ARG A 44 -0.43 -10.78 6.06
C ARG A 44 -0.23 -11.60 4.79
N GLU A 45 -0.53 -12.88 4.88
CA GLU A 45 -0.40 -13.83 3.78
C GLU A 45 -0.70 -13.24 2.40
N GLN A 46 -1.91 -12.76 2.14
CA GLN A 46 -2.22 -12.19 0.83
C GLN A 46 -2.72 -10.74 0.86
N ASP A 47 -3.16 -10.26 2.01
CA ASP A 47 -3.70 -8.90 2.07
C ASP A 47 -2.85 -7.97 2.93
N PHE A 48 -2.99 -6.68 2.65
CA PHE A 48 -2.24 -5.65 3.36
C PHE A 48 -3.04 -4.36 3.46
N THR A 49 -2.84 -3.65 4.56
CA THR A 49 -3.50 -2.38 4.82
C THR A 49 -2.47 -1.29 5.10
N LEU A 50 -2.59 -0.18 4.40
CA LEU A 50 -1.69 0.95 4.59
C LEU A 50 -2.42 2.09 5.31
N ILE A 51 -2.00 2.39 6.52
CA ILE A 51 -2.64 3.44 7.32
C ILE A 51 -1.66 4.59 7.57
N PHE A 52 -2.06 5.82 7.24
CA PHE A 52 -1.13 6.95 7.35
C PHE A 52 -1.85 8.28 7.36
N GLN A 53 -1.07 9.33 7.60
CA GLN A 53 -1.56 10.70 7.57
C GLN A 53 -0.79 11.50 6.52
N THR A 54 -1.47 12.47 5.93
CA THR A 54 -0.89 13.29 4.87
C THR A 54 -1.27 14.75 5.10
N ARG A 55 -0.74 15.65 4.27
CA ARG A 55 -1.15 17.04 4.35
C ARG A 55 -1.73 17.50 3.01
N ASP A 56 -3.02 17.81 3.03
CA ASP A 56 -3.69 18.39 1.87
C ASP A 56 -4.42 19.64 2.31
N GLY A 57 -3.80 20.78 2.07
CA GLY A 57 -4.30 22.05 2.58
C GLY A 57 -5.71 22.35 2.14
N ASN A 58 -6.02 22.04 0.90
CA ASN A 58 -7.33 22.30 0.33
C ASN A 58 -8.41 21.56 1.09
N PHE A 59 -8.17 20.28 1.33
CA PHE A 59 -9.13 19.43 2.02
C PHE A 59 -9.19 19.74 3.51
N LEU A 60 -8.03 19.87 4.14
CA LEU A 60 -7.98 20.03 5.59
C LEU A 60 -8.60 21.36 6.04
N ARG A 61 -8.45 22.39 5.23
CA ARG A 61 -8.98 23.71 5.57
C ARG A 61 -10.51 23.71 5.55
N LEU A 62 -11.07 22.76 4.80
CA LEU A 62 -12.52 22.66 4.66
C LEU A 62 -13.14 22.02 5.90
N HIS A 63 -12.32 21.36 6.70
CA HIS A 63 -12.79 20.76 7.94
C HIS A 63 -11.77 21.04 9.03
N PRO A 64 -11.97 22.11 9.82
CA PRO A 64 -11.01 22.49 10.86
C PRO A 64 -10.68 21.32 11.77
N GLY A 65 -9.40 21.03 11.88
CA GLY A 65 -8.95 19.92 12.70
C GLY A 65 -8.63 18.68 11.88
N CYS A 66 -9.22 18.58 10.69
CA CYS A 66 -8.95 17.43 9.83
C CYS A 66 -7.52 17.48 9.32
N GLY A 67 -6.91 16.33 9.19
CA GLY A 67 -5.53 16.25 8.76
C GLY A 67 -4.63 15.67 9.82
N PRO A 68 -4.09 16.51 10.72
CA PRO A 68 -3.18 16.06 11.78
C PRO A 68 -3.89 15.18 12.82
N HIS A 69 -5.22 15.21 12.83
CA HIS A 69 -5.97 14.32 13.69
C HIS A 69 -6.66 13.21 12.90
N THR A 70 -6.54 13.28 11.59
CA THR A 70 -7.20 12.32 10.72
C THR A 70 -6.24 11.25 10.23
N THR A 71 -6.43 10.02 10.65
CA THR A 71 -5.59 8.93 10.16
C THR A 71 -6.41 7.96 9.33
N PHE A 72 -5.91 7.64 8.15
CA PHE A 72 -6.66 6.86 7.20
C PHE A 72 -5.90 5.67 6.67
N ARG A 73 -6.64 4.69 6.21
CA ARG A 73 -6.09 3.43 5.79
C ARG A 73 -6.62 3.01 4.42
N TRP A 74 -5.76 2.43 3.62
CA TRP A 74 -6.16 1.81 2.38
C TRP A 74 -5.82 0.33 2.44
N GLN A 75 -6.78 -0.51 2.13
CA GLN A 75 -6.60 -1.94 2.27
C GLN A 75 -6.72 -2.61 0.93
N VAL A 76 -5.75 -3.45 0.61
CA VAL A 76 -5.79 -4.27 -0.58
C VAL A 76 -5.69 -5.74 -0.22
N LYS A 77 -6.71 -6.51 -0.55
CA LYS A 77 -6.61 -7.95 -0.45
C LYS A 77 -6.20 -8.50 -1.79
N LEU A 78 -4.97 -8.97 -1.88
CA LEU A 78 -4.45 -9.48 -3.13
C LEU A 78 -4.89 -10.93 -3.31
N ARG A 79 -5.27 -11.27 -4.51
CA ARG A 79 -5.70 -12.62 -4.80
C ARG A 79 -4.49 -13.47 -5.14
N ASN A 80 -4.47 -14.68 -4.59
CA ASN A 80 -3.30 -15.57 -4.65
C ASN A 80 -2.25 -15.11 -3.66
N LEU A 81 -2.27 -15.72 -2.47
CA LEU A 81 -1.31 -15.46 -1.38
C LEU A 81 0.11 -15.22 -1.88
N ILE A 82 0.82 -14.36 -1.16
CA ILE A 82 2.18 -14.00 -1.50
C ILE A 82 3.14 -14.46 -0.41
N GLU A 83 4.44 -14.45 -0.72
CA GLU A 83 5.44 -14.89 0.29
C GLU A 83 6.17 -13.70 0.88
N PRO A 84 5.69 -13.19 2.04
CA PRO A 84 6.24 -11.97 2.67
C PRO A 84 7.74 -12.08 2.90
N GLU A 85 8.22 -13.30 3.12
CA GLU A 85 9.63 -13.55 3.39
C GLU A 85 10.52 -13.13 2.22
N GLN A 86 9.97 -13.19 1.01
CA GLN A 86 10.75 -12.90 -0.19
C GLN A 86 10.49 -11.49 -0.69
N CYS A 87 9.59 -10.78 -0.03
CA CYS A 87 9.17 -9.48 -0.51
C CYS A 87 10.12 -8.38 -0.15
N THR A 88 10.14 -7.40 -1.03
CA THR A 88 11.02 -6.28 -0.87
C THR A 88 10.30 -5.00 -1.29
N PHE A 89 10.85 -3.88 -0.90
CA PHE A 89 10.25 -2.60 -1.21
C PHE A 89 11.28 -1.69 -1.82
N CYS A 90 10.81 -0.64 -2.44
CA CYS A 90 11.64 0.28 -3.17
C CYS A 90 11.09 1.69 -3.03
N PHE A 91 11.88 2.58 -2.44
CA PHE A 91 11.39 3.91 -2.12
C PHE A 91 12.00 4.96 -3.03
N THR A 92 11.14 5.65 -3.76
CA THR A 92 11.53 6.85 -4.47
C THR A 92 11.12 8.09 -3.66
N ALA A 93 11.33 9.26 -4.21
CA ALA A 93 11.10 10.49 -3.46
C ALA A 93 9.62 10.71 -3.16
N SER A 94 8.78 10.43 -4.14
CA SER A 94 7.36 10.70 -4.03
C SER A 94 6.53 9.43 -4.20
N ARG A 95 7.14 8.39 -4.72
CA ARG A 95 6.42 7.15 -4.95
C ARG A 95 7.02 6.02 -4.13
N ILE A 96 6.24 4.96 -3.97
CA ILE A 96 6.72 3.75 -3.31
C ILE A 96 6.56 2.56 -4.25
N ASP A 97 7.69 1.95 -4.60
CA ASP A 97 7.70 0.77 -5.44
C ASP A 97 7.76 -0.46 -4.54
N ILE A 98 7.00 -1.48 -4.87
CA ILE A 98 7.03 -2.70 -4.09
C ILE A 98 7.12 -3.92 -5.00
N CYS A 99 7.95 -4.88 -4.62
CA CYS A 99 8.07 -6.12 -5.37
C CYS A 99 7.38 -7.26 -4.62
N LEU A 100 6.27 -7.71 -5.19
CA LEU A 100 5.43 -8.74 -4.58
C LEU A 100 5.63 -10.09 -5.27
N ARG A 101 5.82 -11.12 -4.45
CA ARG A 101 6.04 -12.48 -4.96
C ARG A 101 4.74 -13.27 -4.94
N LYS A 102 4.24 -13.61 -6.11
CA LYS A 102 2.94 -14.28 -6.25
C LYS A 102 3.13 -15.79 -6.18
N ARG A 103 3.55 -16.28 -5.02
CA ARG A 103 3.94 -17.67 -4.84
C ARG A 103 2.78 -18.63 -5.07
N GLN A 104 1.55 -18.15 -4.92
CA GLN A 104 0.38 -19.01 -5.14
C GLN A 104 0.22 -19.33 -6.63
N SER A 105 1.07 -18.70 -7.46
CA SER A 105 1.20 -18.99 -8.88
C SER A 105 0.09 -18.38 -9.71
N GLN A 106 0.45 -17.83 -10.85
CA GLN A 106 -0.52 -17.33 -11.81
C GLN A 106 -0.81 -18.40 -12.85
N ARG A 107 -2.06 -18.49 -13.28
CA ARG A 107 -2.49 -19.56 -14.15
C ARG A 107 -2.74 -19.06 -15.57
N TRP A 108 -2.49 -19.93 -16.55
CA TRP A 108 -2.73 -19.65 -17.96
C TRP A 108 -1.76 -18.60 -18.51
N GLY A 109 -0.77 -19.07 -19.25
CA GLY A 109 0.17 -18.17 -19.89
C GLY A 109 0.15 -18.34 -21.40
N GLY A 110 -0.73 -19.20 -21.88
CA GLY A 110 -0.82 -19.47 -23.30
C GLY A 110 -0.03 -20.71 -23.67
N LEU A 111 0.88 -20.56 -24.61
CA LEU A 111 1.73 -21.67 -25.04
C LEU A 111 3.04 -21.63 -24.27
N GLU A 112 3.29 -22.70 -23.51
CA GLU A 112 4.51 -22.79 -22.73
C GLU A 112 5.42 -23.86 -23.30
N ALA A 113 6.72 -23.60 -23.27
CA ALA A 113 7.70 -24.53 -23.80
C ALA A 113 8.15 -25.50 -22.72
N PRO A 114 8.10 -26.81 -23.00
CA PRO A 114 8.60 -27.84 -22.09
C PRO A 114 10.12 -27.76 -21.94
N VAL A 1 0.37 16.91 15.46
CA VAL A 1 -0.38 15.66 15.65
C VAL A 1 -0.97 15.63 17.07
N ASP A 2 -2.17 15.09 17.19
CA ASP A 2 -2.86 15.02 18.47
C ASP A 2 -3.55 13.66 18.56
N GLU A 3 -4.63 13.56 19.33
CA GLU A 3 -5.37 12.31 19.43
C GLU A 3 -6.51 12.29 18.42
N PRO A 4 -6.34 11.54 17.33
CA PRO A 4 -7.31 11.48 16.24
C PRO A 4 -8.50 10.57 16.52
N GLU A 5 -8.25 9.25 16.53
CA GLU A 5 -9.30 8.24 16.60
C GLU A 5 -10.35 8.49 15.51
N SER A 6 -9.89 9.00 14.38
CA SER A 6 -10.75 9.23 13.24
C SER A 6 -10.12 8.61 12.02
N MET A 7 -10.37 7.32 11.86
CA MET A 7 -9.78 6.55 10.79
C MET A 7 -10.68 6.59 9.57
N VAL A 8 -10.13 7.03 8.46
CA VAL A 8 -10.88 7.19 7.24
C VAL A 8 -10.57 6.09 6.25
N ASN A 9 -11.62 5.57 5.64
CA ASN A 9 -11.49 4.54 4.62
C ASN A 9 -11.35 5.21 3.27
N LEU A 10 -10.24 4.95 2.60
CA LEU A 10 -9.94 5.64 1.36
C LEU A 10 -10.60 4.94 0.19
N ALA A 11 -11.35 5.70 -0.59
CA ALA A 11 -12.05 5.19 -1.75
C ALA A 11 -11.44 5.72 -3.04
N PHE A 12 -10.38 6.50 -2.88
CA PHE A 12 -9.70 7.09 -4.00
C PHE A 12 -8.42 6.34 -4.29
N VAL A 13 -8.24 5.96 -5.55
CA VAL A 13 -7.09 5.17 -5.96
C VAL A 13 -6.24 5.96 -6.94
N LYS A 14 -4.93 5.89 -6.76
CA LYS A 14 -3.99 6.61 -7.60
C LYS A 14 -2.70 5.80 -7.77
N ASN A 15 -2.85 4.49 -7.79
CA ASN A 15 -1.68 3.61 -7.88
C ASN A 15 -1.72 2.83 -9.19
N ASP A 16 -0.57 2.40 -9.64
CA ASP A 16 -0.49 1.59 -10.84
C ASP A 16 0.34 0.35 -10.57
N SER A 17 -0.12 -0.78 -11.07
CA SER A 17 0.58 -2.03 -10.84
C SER A 17 1.27 -2.50 -12.11
N TYR A 18 2.40 -3.14 -11.92
CA TYR A 18 3.16 -3.71 -13.04
C TYR A 18 3.48 -5.15 -12.73
N GLU A 19 3.39 -5.99 -13.73
CA GLU A 19 3.61 -7.41 -13.53
C GLU A 19 4.85 -7.86 -14.28
N LYS A 20 5.88 -8.12 -13.51
CA LYS A 20 7.19 -8.40 -14.05
C LYS A 20 7.64 -9.79 -13.66
N GLY A 21 7.89 -10.62 -14.66
CA GLY A 21 8.21 -12.00 -14.40
C GLY A 21 6.98 -12.86 -14.34
N PRO A 22 7.12 -14.19 -14.23
CA PRO A 22 5.99 -15.11 -14.21
C PRO A 22 5.16 -15.02 -12.93
N ASP A 23 5.79 -14.61 -11.83
CA ASP A 23 5.13 -14.65 -10.52
C ASP A 23 5.04 -13.27 -9.88
N SER A 24 5.88 -12.35 -10.31
CA SER A 24 6.09 -11.14 -9.56
C SER A 24 5.34 -9.96 -10.15
N VAL A 25 4.91 -9.09 -9.26
CA VAL A 25 4.16 -7.91 -9.62
C VAL A 25 4.59 -6.74 -8.73
N VAL A 26 5.17 -5.73 -9.34
CA VAL A 26 5.62 -4.56 -8.61
C VAL A 26 4.65 -3.41 -8.82
N VAL A 27 4.14 -2.88 -7.71
CA VAL A 27 3.13 -1.86 -7.76
C VAL A 27 3.67 -0.53 -7.27
N HIS A 28 3.16 0.54 -7.83
CA HIS A 28 3.66 1.87 -7.62
C HIS A 28 2.56 2.74 -7.00
N VAL A 29 2.76 3.18 -5.75
CA VAL A 29 1.73 3.87 -5.02
C VAL A 29 2.05 5.35 -4.81
N TYR A 30 0.98 6.14 -4.73
CA TYR A 30 1.05 7.57 -4.50
C TYR A 30 1.32 7.86 -3.03
N VAL A 31 2.54 8.22 -2.69
CA VAL A 31 2.86 8.57 -1.32
C VAL A 31 3.30 10.02 -1.22
N LYS A 32 2.51 10.79 -0.49
CA LYS A 32 2.76 12.21 -0.31
C LYS A 32 2.28 12.69 1.05
N GLU A 33 3.03 13.64 1.61
CA GLU A 33 2.67 14.32 2.87
C GLU A 33 2.30 13.33 3.97
N ILE A 34 2.96 12.19 3.98
CA ILE A 34 2.69 11.15 4.95
C ILE A 34 3.25 11.51 6.31
N CYS A 35 2.46 11.30 7.35
CA CYS A 35 2.95 11.43 8.71
C CYS A 35 3.72 10.16 9.06
N ARG A 36 5.02 10.20 8.79
CA ARG A 36 5.90 9.06 8.99
C ARG A 36 5.96 8.66 10.47
N ASP A 37 5.55 9.57 11.33
CA ASP A 37 5.53 9.35 12.76
C ASP A 37 4.56 8.24 13.12
N THR A 38 3.52 8.11 12.33
CA THR A 38 2.41 7.23 12.67
C THR A 38 2.16 6.17 11.60
N SER A 39 2.93 6.26 10.54
CA SER A 39 2.74 5.39 9.39
C SER A 39 3.18 3.96 9.69
N ARG A 40 2.24 3.03 9.57
CA ARG A 40 2.49 1.62 9.83
C ARG A 40 1.96 0.78 8.68
N VAL A 41 2.71 -0.27 8.31
CA VAL A 41 2.24 -1.20 7.29
C VAL A 41 2.01 -2.56 7.92
N LEU A 42 0.80 -3.08 7.79
CA LEU A 42 0.45 -4.38 8.34
C LEU A 42 0.17 -5.36 7.21
N PHE A 43 1.07 -6.31 7.03
CA PHE A 43 0.92 -7.31 5.98
C PHE A 43 0.51 -8.65 6.56
N ARG A 44 -0.20 -9.44 5.76
CA ARG A 44 -0.59 -10.76 6.16
C ARG A 44 -0.39 -11.73 4.99
N GLU A 45 -0.90 -12.95 5.15
CA GLU A 45 -0.74 -14.01 4.17
C GLU A 45 -1.06 -13.58 2.73
N GLN A 46 -2.17 -12.85 2.54
CA GLN A 46 -2.62 -12.56 1.18
C GLN A 46 -2.68 -11.05 0.89
N ASP A 47 -2.70 -10.24 1.92
CA ASP A 47 -2.95 -8.82 1.73
C ASP A 47 -2.21 -7.97 2.76
N PHE A 48 -2.27 -6.66 2.57
CA PHE A 48 -1.60 -5.72 3.47
C PHE A 48 -2.39 -4.43 3.61
N THR A 49 -2.34 -3.88 4.81
CA THR A 49 -3.03 -2.63 5.12
C THR A 49 -2.02 -1.56 5.47
N LEU A 50 -2.17 -0.40 4.87
CA LEU A 50 -1.33 0.73 5.20
C LEU A 50 -2.12 1.70 6.06
N ILE A 51 -1.70 1.85 7.30
CA ILE A 51 -2.37 2.75 8.22
C ILE A 51 -1.44 3.89 8.58
N PHE A 52 -1.83 5.09 8.21
CA PHE A 52 -1.00 6.26 8.43
C PHE A 52 -1.82 7.53 8.45
N GLN A 53 -1.18 8.62 8.80
CA GLN A 53 -1.80 9.93 8.74
C GLN A 53 -1.14 10.73 7.64
N THR A 54 -1.86 11.68 7.09
CA THR A 54 -1.37 12.48 6.01
C THR A 54 -1.95 13.88 6.14
N ARG A 55 -1.30 14.88 5.58
CA ARG A 55 -1.89 16.20 5.57
C ARG A 55 -2.31 16.53 4.16
N ASP A 56 -3.60 16.60 3.95
CA ASP A 56 -4.15 16.80 2.65
C ASP A 56 -4.57 18.24 2.49
N GLY A 57 -3.75 19.01 1.78
CA GLY A 57 -4.02 20.43 1.61
C GLY A 57 -5.40 20.68 1.04
N ASN A 58 -5.83 19.80 0.15
CA ASN A 58 -7.14 19.90 -0.47
C ASN A 58 -8.24 19.68 0.56
N PHE A 59 -8.08 18.63 1.37
CA PHE A 59 -9.08 18.27 2.36
C PHE A 59 -9.04 19.21 3.56
N LEU A 60 -7.85 19.49 4.08
CA LEU A 60 -7.74 20.31 5.28
C LEU A 60 -8.22 21.73 5.04
N ARG A 61 -8.07 22.23 3.81
CA ARG A 61 -8.58 23.54 3.47
C ARG A 61 -10.12 23.54 3.56
N LEU A 62 -10.70 22.36 3.33
CA LEU A 62 -12.14 22.17 3.46
C LEU A 62 -12.51 21.76 4.89
N HIS A 63 -11.53 21.27 5.63
CA HIS A 63 -11.77 20.74 6.98
C HIS A 63 -10.69 21.21 7.93
N PRO A 64 -10.89 22.32 8.64
CA PRO A 64 -9.93 22.78 9.63
C PRO A 64 -9.72 21.73 10.70
N GLY A 65 -8.47 21.35 10.92
CA GLY A 65 -8.18 20.30 11.86
C GLY A 65 -7.85 18.99 11.19
N CYS A 66 -8.13 18.89 9.89
CA CYS A 66 -7.83 17.68 9.13
C CYS A 66 -6.31 17.49 9.05
N GLY A 67 -5.88 16.25 9.14
CA GLY A 67 -4.46 15.95 9.18
C GLY A 67 -4.07 15.35 10.52
N PRO A 68 -3.88 16.18 11.56
CA PRO A 68 -3.52 15.71 12.90
C PRO A 68 -4.59 14.81 13.52
N HIS A 69 -5.84 15.01 13.13
CA HIS A 69 -6.93 14.17 13.63
C HIS A 69 -7.37 13.16 12.58
N THR A 70 -6.80 13.24 11.40
CA THR A 70 -7.23 12.39 10.30
C THR A 70 -6.24 11.24 10.09
N THR A 71 -6.71 10.03 10.33
CA THR A 71 -5.91 8.85 10.10
C THR A 71 -6.51 8.02 8.97
N PHE A 72 -5.70 7.65 8.00
CA PHE A 72 -6.17 6.93 6.84
C PHE A 72 -5.65 5.50 6.81
N ARG A 73 -6.40 4.65 6.14
CA ARG A 73 -6.01 3.27 5.97
C ARG A 73 -6.31 2.81 4.55
N TRP A 74 -5.35 2.18 3.91
CA TRP A 74 -5.53 1.64 2.59
C TRP A 74 -5.20 0.16 2.59
N GLN A 75 -6.08 -0.63 2.02
CA GLN A 75 -5.96 -2.07 2.10
C GLN A 75 -5.97 -2.68 0.70
N VAL A 76 -4.87 -3.32 0.33
CA VAL A 76 -4.77 -4.02 -0.94
C VAL A 76 -4.79 -5.52 -0.72
N LYS A 77 -5.67 -6.21 -1.43
CA LYS A 77 -5.77 -7.65 -1.31
C LYS A 77 -5.25 -8.34 -2.55
N LEU A 78 -4.29 -9.21 -2.36
CA LEU A 78 -3.75 -9.99 -3.46
C LEU A 78 -4.36 -11.38 -3.42
N ARG A 79 -4.80 -11.86 -4.58
CA ARG A 79 -5.53 -13.11 -4.64
C ARG A 79 -4.57 -14.29 -4.75
N ASN A 80 -4.95 -15.40 -4.12
CA ASN A 80 -4.13 -16.61 -4.04
C ASN A 80 -2.87 -16.36 -3.22
N LEU A 81 -3.02 -15.52 -2.20
CA LEU A 81 -1.97 -15.21 -1.21
C LEU A 81 -0.62 -14.79 -1.82
N ILE A 82 0.33 -14.51 -0.93
CA ILE A 82 1.68 -14.10 -1.30
C ILE A 82 2.70 -14.63 -0.30
N GLU A 83 3.98 -14.45 -0.61
CA GLU A 83 5.06 -14.85 0.30
C GLU A 83 5.58 -13.62 1.03
N PRO A 84 5.01 -13.26 2.19
CA PRO A 84 5.33 -12.01 2.90
C PRO A 84 6.82 -11.83 3.16
N GLU A 85 7.49 -12.92 3.48
CA GLU A 85 8.89 -12.89 3.87
C GLU A 85 9.75 -12.41 2.71
N GLN A 86 9.35 -12.80 1.53
CA GLN A 86 10.15 -12.58 0.33
C GLN A 86 9.93 -11.21 -0.31
N CYS A 87 8.98 -10.42 0.19
CA CYS A 87 8.69 -9.16 -0.48
C CYS A 87 9.67 -8.07 -0.13
N THR A 88 9.76 -7.11 -1.01
CA THR A 88 10.68 -6.01 -0.84
C THR A 88 10.04 -4.72 -1.32
N PHE A 89 10.68 -3.61 -1.04
CA PHE A 89 10.14 -2.30 -1.41
C PHE A 89 11.16 -1.52 -2.22
N CYS A 90 10.67 -0.49 -2.88
CA CYS A 90 11.48 0.28 -3.81
C CYS A 90 11.03 1.74 -3.76
N PHE A 91 11.98 2.66 -3.86
CA PHE A 91 11.63 4.07 -3.76
C PHE A 91 12.08 4.86 -4.97
N THR A 92 11.13 5.40 -5.69
CA THR A 92 11.41 6.39 -6.72
C THR A 92 11.59 7.76 -6.06
N ALA A 93 11.78 8.80 -6.85
CA ALA A 93 12.17 10.10 -6.33
C ALA A 93 11.13 10.66 -5.35
N SER A 94 9.86 10.53 -5.71
CA SER A 94 8.80 11.06 -4.89
C SER A 94 7.77 9.99 -4.52
N ARG A 95 7.81 8.88 -5.25
CA ARG A 95 6.75 7.88 -5.18
C ARG A 95 7.28 6.56 -4.65
N ILE A 96 6.37 5.66 -4.26
CA ILE A 96 6.78 4.38 -3.67
C ILE A 96 6.47 3.20 -4.59
N ASP A 97 7.47 2.35 -4.76
CA ASP A 97 7.34 1.12 -5.52
C ASP A 97 7.43 -0.08 -4.58
N ILE A 98 6.65 -1.11 -4.83
CA ILE A 98 6.74 -2.33 -4.01
C ILE A 98 6.79 -3.57 -4.89
N CYS A 99 7.73 -4.47 -4.60
CA CYS A 99 7.84 -5.70 -5.37
C CYS A 99 7.13 -6.85 -4.64
N LEU A 100 6.03 -7.32 -5.26
CA LEU A 100 5.20 -8.36 -4.69
C LEU A 100 5.41 -9.69 -5.41
N ARG A 101 5.57 -10.75 -4.61
CA ARG A 101 5.79 -12.11 -5.14
C ARG A 101 4.83 -13.12 -4.51
N LYS A 102 4.42 -14.12 -5.27
CA LYS A 102 3.44 -15.09 -4.81
C LYS A 102 3.75 -16.50 -5.29
N ARG A 103 5.00 -16.93 -5.04
CA ARG A 103 5.53 -18.20 -5.54
C ARG A 103 4.67 -19.41 -5.14
N GLN A 104 3.92 -19.29 -4.04
CA GLN A 104 3.08 -20.38 -3.57
C GLN A 104 2.06 -20.77 -4.65
N SER A 105 1.58 -19.78 -5.38
CA SER A 105 0.54 -19.98 -6.37
C SER A 105 1.05 -20.83 -7.54
N GLN A 106 0.18 -21.66 -8.07
CA GLN A 106 0.52 -22.50 -9.20
C GLN A 106 0.17 -21.80 -10.51
N ARG A 107 0.98 -22.01 -11.52
CA ARG A 107 0.79 -21.36 -12.81
C ARG A 107 -0.45 -21.90 -13.50
N TRP A 108 -1.46 -21.06 -13.64
CA TRP A 108 -2.69 -21.44 -14.32
C TRP A 108 -2.55 -21.20 -15.81
N GLY A 109 -1.76 -20.19 -16.16
CA GLY A 109 -1.48 -19.91 -17.55
C GLY A 109 -0.19 -20.58 -18.01
N GLY A 110 -0.12 -21.89 -17.78
CA GLY A 110 1.08 -22.63 -18.13
C GLY A 110 0.89 -23.49 -19.37
N LEU A 111 -0.35 -23.54 -19.86
CA LEU A 111 -0.66 -24.34 -21.04
C LEU A 111 -0.88 -23.44 -22.25
N GLU A 112 0.06 -22.54 -22.48
CA GLU A 112 -0.04 -21.63 -23.61
C GLU A 112 0.57 -22.29 -24.84
N ALA A 113 -0.18 -22.31 -25.94
CA ALA A 113 0.25 -22.96 -27.15
C ALA A 113 0.91 -21.98 -28.10
N PRO A 114 2.09 -22.33 -28.63
CA PRO A 114 2.78 -21.54 -29.64
C PRO A 114 2.27 -21.83 -31.03
N VAL A 1 -6.17 14.61 18.77
CA VAL A 1 -4.88 14.12 19.30
C VAL A 1 -5.10 12.88 20.17
N ASP A 2 -4.15 11.94 20.12
CA ASP A 2 -4.28 10.67 20.83
C ASP A 2 -5.56 9.95 20.42
N GLU A 3 -5.59 9.49 19.18
CA GLU A 3 -6.77 8.85 18.63
C GLU A 3 -6.70 7.34 18.87
N PRO A 4 -7.83 6.74 19.27
CA PRO A 4 -7.93 5.30 19.50
C PRO A 4 -7.85 4.52 18.20
N GLU A 5 -8.84 4.70 17.34
CA GLU A 5 -8.89 4.05 16.02
C GLU A 5 -9.66 4.94 15.04
N SER A 6 -9.41 6.23 15.09
CA SER A 6 -10.07 7.18 14.19
C SER A 6 -9.43 7.08 12.81
N MET A 7 -10.07 6.30 11.95
CA MET A 7 -9.50 5.96 10.65
C MET A 7 -10.46 6.31 9.54
N VAL A 8 -9.98 7.07 8.56
CA VAL A 8 -10.81 7.50 7.44
C VAL A 8 -10.63 6.59 6.24
N ASN A 9 -11.74 6.25 5.61
CA ASN A 9 -11.73 5.34 4.46
C ASN A 9 -11.56 6.10 3.16
N LEU A 10 -10.69 5.60 2.30
CA LEU A 10 -10.56 6.10 0.94
C LEU A 10 -10.89 4.96 -0.02
N ALA A 11 -11.82 5.22 -0.95
CA ALA A 11 -12.29 4.19 -1.86
C ALA A 11 -11.45 4.17 -3.13
N PHE A 12 -10.72 5.24 -3.37
CA PHE A 12 -9.88 5.34 -4.55
C PHE A 12 -8.42 5.27 -4.14
N VAL A 13 -7.65 4.43 -4.81
CA VAL A 13 -6.26 4.24 -4.49
C VAL A 13 -5.35 4.73 -5.63
N LYS A 14 -4.41 5.60 -5.27
CA LYS A 14 -3.41 6.07 -6.21
C LYS A 14 -2.29 5.05 -6.34
N ASN A 15 -2.40 4.18 -7.33
CA ASN A 15 -1.32 3.24 -7.60
C ASN A 15 -1.39 2.72 -9.03
N ASP A 16 -0.26 2.26 -9.52
CA ASP A 16 -0.20 1.56 -10.80
C ASP A 16 0.46 0.20 -10.57
N SER A 17 -0.11 -0.83 -11.17
CA SER A 17 0.42 -2.18 -10.99
C SER A 17 1.07 -2.68 -12.25
N TYR A 18 2.06 -3.52 -12.06
CA TYR A 18 2.83 -4.11 -13.15
C TYR A 18 3.22 -5.51 -12.77
N GLU A 19 3.22 -6.42 -13.73
CA GLU A 19 3.62 -7.79 -13.45
C GLU A 19 4.93 -8.10 -14.16
N LYS A 20 5.99 -8.10 -13.39
CA LYS A 20 7.33 -8.30 -13.94
C LYS A 20 8.02 -9.43 -13.22
N GLY A 21 8.44 -10.42 -13.97
CA GLY A 21 8.92 -11.65 -13.39
C GLY A 21 7.93 -12.77 -13.62
N PRO A 22 8.39 -14.02 -13.69
CA PRO A 22 7.52 -15.17 -13.98
C PRO A 22 6.35 -15.29 -13.01
N ASP A 23 6.61 -15.07 -11.73
CA ASP A 23 5.59 -15.25 -10.70
C ASP A 23 5.47 -13.97 -9.91
N SER A 24 6.12 -12.96 -10.42
CA SER A 24 6.44 -11.78 -9.67
C SER A 24 5.66 -10.56 -10.16
N VAL A 25 5.32 -9.66 -9.22
CA VAL A 25 4.51 -8.49 -9.53
C VAL A 25 4.94 -7.30 -8.66
N VAL A 26 5.11 -6.14 -9.27
CA VAL A 26 5.53 -4.94 -8.56
C VAL A 26 4.57 -3.78 -8.81
N VAL A 27 4.09 -3.20 -7.72
CA VAL A 27 3.12 -2.11 -7.78
C VAL A 27 3.72 -0.84 -7.18
N HIS A 28 3.20 0.32 -7.60
CA HIS A 28 3.69 1.59 -7.08
C HIS A 28 2.53 2.52 -6.73
N VAL A 29 2.43 2.81 -5.44
CA VAL A 29 1.38 3.68 -4.91
C VAL A 29 1.88 5.13 -4.80
N TYR A 30 0.97 6.09 -4.91
CA TYR A 30 1.34 7.48 -4.84
C TYR A 30 1.30 8.00 -3.41
N VAL A 31 2.47 8.15 -2.80
CA VAL A 31 2.56 8.60 -1.43
C VAL A 31 3.35 9.89 -1.33
N LYS A 32 2.70 10.91 -0.80
CA LYS A 32 3.31 12.21 -0.62
C LYS A 32 2.88 12.84 0.69
N GLU A 33 3.75 13.67 1.26
CA GLU A 33 3.47 14.42 2.50
C GLU A 33 2.89 13.52 3.57
N ILE A 34 3.40 12.31 3.66
CA ILE A 34 2.95 11.35 4.65
C ILE A 34 3.63 11.59 5.99
N CYS A 35 2.85 11.48 7.05
CA CYS A 35 3.36 11.58 8.41
C CYS A 35 4.05 10.29 8.79
N ARG A 36 5.37 10.28 8.64
CA ARG A 36 6.19 9.12 8.88
C ARG A 36 6.12 8.66 10.34
N ASP A 37 5.70 9.56 11.22
CA ASP A 37 5.53 9.24 12.64
C ASP A 37 4.36 8.29 12.86
N THR A 38 3.43 8.27 11.92
CA THR A 38 2.18 7.55 12.13
C THR A 38 1.95 6.50 11.07
N SER A 39 2.80 6.52 10.05
CA SER A 39 2.68 5.63 8.92
C SER A 39 3.01 4.18 9.32
N ARG A 40 2.06 3.30 9.09
CA ARG A 40 2.17 1.89 9.44
C ARG A 40 1.68 1.03 8.29
N VAL A 41 2.23 -0.17 8.16
CA VAL A 41 1.77 -1.10 7.15
C VAL A 41 1.25 -2.38 7.79
N LEU A 42 0.11 -2.86 7.34
CA LEU A 42 -0.46 -4.09 7.82
C LEU A 42 -0.52 -5.11 6.70
N PHE A 43 0.28 -6.14 6.78
CA PHE A 43 0.35 -7.11 5.69
C PHE A 43 0.01 -8.52 6.17
N ARG A 44 -0.66 -9.27 5.31
CA ARG A 44 -1.01 -10.64 5.60
C ARG A 44 -0.76 -11.50 4.35
N GLU A 45 -1.25 -12.73 4.38
CA GLU A 45 -1.02 -13.70 3.32
C GLU A 45 -1.21 -13.14 1.89
N GLN A 46 -2.39 -12.59 1.60
CA GLN A 46 -2.67 -12.16 0.23
C GLN A 46 -3.00 -10.67 0.13
N ASP A 47 -3.22 -10.00 1.25
CA ASP A 47 -3.58 -8.59 1.20
C ASP A 47 -2.83 -7.76 2.22
N PHE A 48 -2.88 -6.46 2.04
CA PHE A 48 -2.21 -5.53 2.92
C PHE A 48 -2.99 -4.23 3.03
N THR A 49 -2.94 -3.62 4.20
CA THR A 49 -3.62 -2.36 4.47
C THR A 49 -2.59 -1.25 4.67
N LEU A 50 -2.79 -0.13 3.99
CA LEU A 50 -1.90 1.01 4.15
C LEU A 50 -2.54 2.03 5.05
N ILE A 51 -1.95 2.25 6.22
CA ILE A 51 -2.54 3.14 7.21
C ILE A 51 -1.54 4.21 7.65
N PHE A 52 -1.85 5.46 7.30
CA PHE A 52 -0.96 6.57 7.59
C PHE A 52 -1.70 7.90 7.57
N GLN A 53 -1.03 8.95 8.00
CA GLN A 53 -1.59 10.28 7.95
C GLN A 53 -0.83 11.09 6.91
N THR A 54 -1.48 12.09 6.34
CA THR A 54 -0.86 12.93 5.33
C THR A 54 -1.42 14.33 5.46
N ARG A 55 -0.89 15.26 4.69
CA ARG A 55 -1.46 16.60 4.63
C ARG A 55 -1.58 17.08 3.21
N ASP A 56 -2.81 17.25 2.77
CA ASP A 56 -3.09 17.88 1.49
C ASP A 56 -4.07 19.02 1.70
N GLY A 57 -3.67 20.19 1.27
CA GLY A 57 -4.40 21.41 1.55
C GLY A 57 -5.87 21.38 1.15
N ASN A 58 -6.20 20.59 0.14
CA ASN A 58 -7.56 20.60 -0.38
C ASN A 58 -8.55 20.01 0.63
N PHE A 59 -8.20 18.87 1.22
CA PHE A 59 -9.03 18.21 2.21
C PHE A 59 -8.97 18.92 3.55
N LEU A 60 -7.75 19.21 3.98
CA LEU A 60 -7.54 19.75 5.33
C LEU A 60 -8.19 21.13 5.50
N ARG A 61 -8.26 21.91 4.43
CA ARG A 61 -8.87 23.23 4.48
C ARG A 61 -10.36 23.10 4.81
N LEU A 62 -10.95 21.98 4.40
CA LEU A 62 -12.37 21.74 4.62
C LEU A 62 -12.63 21.27 6.05
N HIS A 63 -11.59 20.86 6.74
CA HIS A 63 -11.73 20.33 8.09
C HIS A 63 -10.60 20.84 8.98
N PRO A 64 -10.80 21.98 9.67
CA PRO A 64 -9.82 22.50 10.62
C PRO A 64 -9.42 21.44 11.64
N GLY A 65 -8.13 21.20 11.78
CA GLY A 65 -7.65 20.19 12.70
C GLY A 65 -7.35 18.86 12.02
N CYS A 66 -7.78 18.71 10.78
CA CYS A 66 -7.54 17.49 10.02
C CYS A 66 -6.05 17.31 9.74
N GLY A 67 -5.57 16.08 9.81
CA GLY A 67 -4.17 15.81 9.59
C GLY A 67 -3.51 15.19 10.80
N PRO A 68 -3.16 16.00 11.83
CA PRO A 68 -2.45 15.53 13.02
C PRO A 68 -3.16 14.38 13.74
N HIS A 69 -4.49 14.34 13.67
CA HIS A 69 -5.24 13.30 14.35
C HIS A 69 -5.99 12.42 13.35
N THR A 70 -5.94 12.80 12.11
CA THR A 70 -6.71 12.12 11.09
C THR A 70 -5.86 11.08 10.36
N THR A 71 -6.18 9.82 10.55
CA THR A 71 -5.44 8.76 9.91
C THR A 71 -6.29 8.10 8.82
N PHE A 72 -5.70 7.98 7.65
CA PHE A 72 -6.36 7.36 6.50
C PHE A 72 -5.79 5.98 6.26
N ARG A 73 -6.62 5.08 5.82
CA ARG A 73 -6.19 3.73 5.52
C ARG A 73 -6.88 3.19 4.28
N TRP A 74 -6.15 2.46 3.46
CA TRP A 74 -6.74 1.75 2.34
C TRP A 74 -6.22 0.33 2.31
N GLN A 75 -7.13 -0.61 2.16
CA GLN A 75 -6.78 -2.01 2.22
C GLN A 75 -6.84 -2.59 0.81
N VAL A 76 -5.71 -3.05 0.32
CA VAL A 76 -5.62 -3.63 -1.00
C VAL A 76 -5.50 -5.14 -0.95
N LYS A 77 -6.54 -5.82 -1.42
CA LYS A 77 -6.49 -7.27 -1.56
C LYS A 77 -5.78 -7.64 -2.85
N LEU A 78 -4.61 -8.26 -2.72
CA LEU A 78 -3.79 -8.58 -3.87
C LEU A 78 -4.11 -9.98 -4.37
N ARG A 79 -3.94 -10.18 -5.66
CA ARG A 79 -4.15 -11.49 -6.27
C ARG A 79 -2.86 -12.29 -6.23
N ASN A 80 -3.00 -13.60 -6.07
CA ASN A 80 -1.87 -14.52 -5.96
C ASN A 80 -1.19 -14.36 -4.60
N LEU A 81 -1.49 -15.29 -3.69
CA LEU A 81 -0.89 -15.30 -2.36
C LEU A 81 0.62 -15.10 -2.42
N ILE A 82 1.11 -14.20 -1.59
CA ILE A 82 2.51 -13.85 -1.59
C ILE A 82 3.20 -14.25 -0.29
N GLU A 83 4.52 -14.19 -0.31
CA GLU A 83 5.31 -14.38 0.90
C GLU A 83 5.75 -13.01 1.38
N PRO A 84 4.93 -12.36 2.23
CA PRO A 84 5.12 -10.96 2.61
C PRO A 84 6.52 -10.70 3.17
N GLU A 85 7.02 -11.64 3.94
CA GLU A 85 8.32 -11.48 4.57
C GLU A 85 9.44 -11.56 3.55
N GLN A 86 9.15 -12.19 2.42
CA GLN A 86 10.12 -12.28 1.33
C GLN A 86 10.02 -11.05 0.45
N CYS A 87 8.86 -10.41 0.45
CA CYS A 87 8.59 -9.30 -0.40
C CYS A 87 9.27 -8.04 0.14
N THR A 88 9.67 -7.20 -0.79
CA THR A 88 10.50 -6.05 -0.47
C THR A 88 9.81 -4.77 -0.94
N PHE A 89 10.40 -3.64 -0.59
CA PHE A 89 9.84 -2.35 -0.94
C PHE A 89 10.88 -1.50 -1.67
N CYS A 90 10.40 -0.50 -2.36
CA CYS A 90 11.21 0.34 -3.22
C CYS A 90 10.68 1.77 -3.19
N PHE A 91 11.55 2.75 -3.14
CA PHE A 91 11.10 4.13 -3.00
C PHE A 91 11.63 5.02 -4.12
N THR A 92 10.71 5.71 -4.79
CA THR A 92 11.08 6.73 -5.76
C THR A 92 10.76 8.11 -5.20
N ALA A 93 10.92 9.14 -6.02
CA ALA A 93 10.76 10.52 -5.54
C ALA A 93 9.31 10.82 -5.17
N SER A 94 8.38 10.36 -6.00
CA SER A 94 6.98 10.68 -5.81
C SER A 94 6.13 9.43 -5.64
N ARG A 95 6.67 8.28 -5.98
CA ARG A 95 5.93 7.03 -5.88
C ARG A 95 6.56 6.10 -4.86
N ILE A 96 5.77 5.16 -4.40
CA ILE A 96 6.26 4.10 -3.54
C ILE A 96 6.08 2.76 -4.24
N ASP A 97 7.18 2.12 -4.56
CA ASP A 97 7.17 0.88 -5.30
C ASP A 97 7.28 -0.30 -4.36
N ILE A 98 6.56 -1.36 -4.64
CA ILE A 98 6.62 -2.56 -3.81
C ILE A 98 6.78 -3.79 -4.70
N CYS A 99 7.76 -4.61 -4.40
CA CYS A 99 7.99 -5.80 -5.19
C CYS A 99 7.46 -7.04 -4.48
N LEU A 100 6.37 -7.59 -4.99
CA LEU A 100 5.73 -8.73 -4.38
C LEU A 100 6.10 -10.01 -5.12
N ARG A 101 6.50 -11.02 -4.38
CA ARG A 101 6.80 -12.31 -4.96
C ARG A 101 5.90 -13.39 -4.36
N LYS A 102 5.15 -14.04 -5.24
CA LYS A 102 4.32 -15.17 -4.84
C LYS A 102 5.23 -16.36 -4.53
N ARG A 103 4.67 -17.31 -3.80
CA ARG A 103 5.42 -18.44 -3.23
C ARG A 103 6.18 -19.26 -4.28
N GLN A 104 5.72 -19.23 -5.53
CA GLN A 104 6.38 -19.97 -6.60
C GLN A 104 7.67 -19.27 -7.02
N SER A 105 7.65 -17.95 -6.90
CA SER A 105 8.81 -17.09 -7.19
C SER A 105 9.40 -17.34 -8.57
N GLN A 106 10.64 -16.92 -8.79
CA GLN A 106 11.26 -17.06 -10.09
C GLN A 106 12.05 -18.36 -10.18
N ARG A 107 11.98 -18.98 -11.34
CA ARG A 107 12.71 -20.20 -11.62
C ARG A 107 13.79 -19.92 -12.65
N TRP A 108 14.99 -20.43 -12.39
CA TRP A 108 16.17 -20.19 -13.23
C TRP A 108 16.65 -18.74 -13.10
N GLY A 109 15.76 -17.80 -13.38
CA GLY A 109 16.06 -16.39 -13.20
C GLY A 109 16.82 -15.80 -14.36
N GLY A 110 18.08 -16.21 -14.51
CA GLY A 110 18.94 -15.65 -15.53
C GLY A 110 18.79 -16.36 -16.87
N LEU A 111 17.57 -16.42 -17.37
CA LEU A 111 17.31 -17.03 -18.67
C LEU A 111 15.96 -16.56 -19.19
N GLU A 112 15.93 -15.33 -19.69
CA GLU A 112 14.71 -14.78 -20.25
C GLU A 112 14.87 -14.57 -21.75
N ALA A 113 13.77 -14.61 -22.48
CA ALA A 113 13.79 -14.47 -23.92
C ALA A 113 13.50 -13.03 -24.33
N PRO A 114 14.36 -12.45 -25.17
CA PRO A 114 14.17 -11.08 -25.69
C PRO A 114 13.01 -11.00 -26.66
N VAL A 1 -2.31 16.40 18.87
CA VAL A 1 -1.95 15.23 18.04
C VAL A 1 -2.41 13.93 18.70
N ASP A 2 -3.64 13.54 18.42
CA ASP A 2 -4.21 12.31 18.94
C ASP A 2 -4.95 11.58 17.86
N GLU A 3 -4.41 10.45 17.45
CA GLU A 3 -5.03 9.64 16.41
C GLU A 3 -5.77 8.46 17.04
N PRO A 4 -7.09 8.61 17.23
CA PRO A 4 -7.89 7.59 17.86
C PRO A 4 -8.36 6.51 16.90
N GLU A 5 -9.45 6.79 16.21
CA GLU A 5 -10.03 5.87 15.27
C GLU A 5 -10.54 6.60 14.04
N SER A 6 -9.99 7.78 13.81
CA SER A 6 -10.38 8.59 12.67
C SER A 6 -9.62 8.13 11.44
N MET A 7 -9.96 6.94 11.02
CA MET A 7 -9.34 6.31 9.88
C MET A 7 -10.18 6.55 8.64
N VAL A 8 -9.66 7.36 7.73
CA VAL A 8 -10.42 7.75 6.55
C VAL A 8 -10.18 6.78 5.42
N ASN A 9 -11.26 6.40 4.75
CA ASN A 9 -11.19 5.50 3.62
C ASN A 9 -11.14 6.29 2.34
N LEU A 10 -10.07 6.11 1.59
CA LEU A 10 -9.99 6.69 0.27
C LEU A 10 -10.49 5.68 -0.75
N ALA A 11 -11.45 6.10 -1.55
CA ALA A 11 -12.07 5.23 -2.52
C ALA A 11 -11.25 5.21 -3.80
N PHE A 12 -10.64 6.34 -4.09
CA PHE A 12 -9.79 6.46 -5.26
C PHE A 12 -8.34 6.50 -4.84
N VAL A 13 -7.54 5.64 -5.44
CA VAL A 13 -6.12 5.60 -5.17
C VAL A 13 -5.34 5.75 -6.46
N LYS A 14 -4.42 6.71 -6.50
CA LYS A 14 -3.55 6.88 -7.64
C LYS A 14 -2.43 5.85 -7.59
N ASN A 15 -2.60 4.77 -8.35
CA ASN A 15 -1.61 3.70 -8.35
C ASN A 15 -1.64 2.96 -9.68
N ASP A 16 -0.53 2.34 -10.03
CA ASP A 16 -0.48 1.45 -11.17
C ASP A 16 0.17 0.15 -10.78
N SER A 17 -0.40 -0.96 -11.21
CA SER A 17 0.15 -2.26 -10.94
C SER A 17 0.54 -2.95 -12.23
N TYR A 18 1.63 -3.69 -12.20
CA TYR A 18 2.02 -4.51 -13.31
C TYR A 18 2.85 -5.69 -12.82
N GLU A 19 2.89 -6.73 -13.60
CA GLU A 19 3.56 -7.94 -13.22
C GLU A 19 4.86 -8.08 -14.00
N LYS A 20 5.93 -8.42 -13.31
CA LYS A 20 7.20 -8.63 -13.96
C LYS A 20 7.57 -10.09 -13.83
N GLY A 21 7.63 -10.77 -14.96
CA GLY A 21 7.72 -12.22 -14.92
C GLY A 21 6.39 -12.83 -14.50
N PRO A 22 6.06 -14.01 -15.00
CA PRO A 22 4.79 -14.68 -14.68
C PRO A 22 4.64 -15.01 -13.19
N ASP A 23 5.76 -14.93 -12.48
CA ASP A 23 5.85 -15.39 -11.11
C ASP A 23 5.88 -14.23 -10.13
N SER A 24 6.01 -13.02 -10.65
CA SER A 24 6.28 -11.88 -9.81
C SER A 24 5.48 -10.66 -10.24
N VAL A 25 5.17 -9.80 -9.28
CA VAL A 25 4.41 -8.61 -9.54
C VAL A 25 4.89 -7.47 -8.65
N VAL A 26 5.16 -6.33 -9.26
CA VAL A 26 5.61 -5.16 -8.53
C VAL A 26 4.71 -3.98 -8.82
N VAL A 27 4.10 -3.44 -7.79
CA VAL A 27 3.11 -2.39 -7.93
C VAL A 27 3.64 -1.08 -7.41
N HIS A 28 3.22 0.01 -8.04
CA HIS A 28 3.69 1.33 -7.69
C HIS A 28 2.49 2.22 -7.38
N VAL A 29 2.37 2.63 -6.13
CA VAL A 29 1.32 3.55 -5.76
C VAL A 29 1.90 4.95 -5.65
N TYR A 30 1.14 5.94 -6.08
CA TYR A 30 1.61 7.31 -6.09
C TYR A 30 1.10 8.03 -4.87
N VAL A 31 1.96 8.17 -3.87
CA VAL A 31 1.58 8.79 -2.62
C VAL A 31 2.61 9.84 -2.24
N LYS A 32 2.11 10.96 -1.75
CA LYS A 32 2.95 12.10 -1.41
C LYS A 32 2.53 12.72 -0.09
N GLU A 33 3.43 13.56 0.45
CA GLU A 33 3.13 14.42 1.60
C GLU A 33 2.71 13.60 2.82
N ILE A 34 3.35 12.46 2.99
CA ILE A 34 2.99 11.53 4.06
C ILE A 34 3.71 11.86 5.36
N CYS A 35 2.97 11.74 6.45
CA CYS A 35 3.54 11.88 7.77
C CYS A 35 4.22 10.57 8.17
N ARG A 36 5.55 10.57 8.09
CA ARG A 36 6.36 9.38 8.33
C ARG A 36 6.21 8.90 9.76
N ASP A 37 5.76 9.80 10.59
CA ASP A 37 5.58 9.55 12.01
C ASP A 37 4.60 8.39 12.23
N THR A 38 3.56 8.35 11.43
CA THR A 38 2.44 7.45 11.70
C THR A 38 2.19 6.50 10.55
N SER A 39 3.09 6.51 9.59
CA SER A 39 2.96 5.66 8.43
C SER A 39 3.34 4.22 8.77
N ARG A 40 2.34 3.36 8.85
CA ARG A 40 2.52 2.00 9.31
C ARG A 40 2.07 1.01 8.23
N VAL A 41 2.68 -0.18 8.24
CA VAL A 41 2.36 -1.20 7.26
C VAL A 41 1.93 -2.50 7.94
N LEU A 42 0.76 -2.98 7.58
CA LEU A 42 0.26 -4.24 8.11
C LEU A 42 0.00 -5.21 6.96
N PHE A 43 0.81 -6.24 6.85
CA PHE A 43 0.67 -7.19 5.75
C PHE A 43 0.58 -8.62 6.25
N ARG A 44 -0.07 -9.45 5.46
CA ARG A 44 -0.26 -10.86 5.77
C ARG A 44 -0.21 -11.68 4.48
N GLU A 45 -0.64 -12.94 4.56
CA GLU A 45 -0.58 -13.89 3.44
C GLU A 45 -0.92 -13.26 2.08
N GLN A 46 -2.14 -12.72 1.93
CA GLN A 46 -2.55 -12.20 0.63
C GLN A 46 -2.89 -10.71 0.66
N ASP A 47 -3.17 -10.17 1.83
CA ASP A 47 -3.60 -8.78 1.90
C ASP A 47 -2.70 -7.94 2.76
N PHE A 48 -2.83 -6.64 2.56
CA PHE A 48 -2.05 -5.65 3.29
C PHE A 48 -2.85 -4.38 3.50
N THR A 49 -2.61 -3.73 4.62
CA THR A 49 -3.27 -2.48 4.93
C THR A 49 -2.24 -1.37 5.06
N LEU A 50 -2.45 -0.28 4.33
CA LEU A 50 -1.57 0.87 4.41
C LEU A 50 -2.24 1.96 5.23
N ILE A 51 -1.68 2.28 6.38
CA ILE A 51 -2.27 3.27 7.26
C ILE A 51 -1.26 4.39 7.54
N PHE A 52 -1.60 5.60 7.12
CA PHE A 52 -0.71 6.74 7.29
C PHE A 52 -1.48 8.06 7.21
N GLN A 53 -0.81 9.13 7.58
CA GLN A 53 -1.40 10.46 7.50
C GLN A 53 -0.69 11.26 6.40
N THR A 54 -1.40 12.22 5.84
CA THR A 54 -0.85 13.06 4.79
C THR A 54 -1.31 14.49 5.01
N ARG A 55 -0.83 15.41 4.19
CA ARG A 55 -1.30 16.78 4.27
C ARG A 55 -1.87 17.23 2.93
N ASP A 56 -3.17 17.47 2.93
CA ASP A 56 -3.87 17.93 1.74
C ASP A 56 -4.65 19.19 2.08
N GLY A 57 -4.12 20.33 1.65
CA GLY A 57 -4.68 21.63 2.02
C GLY A 57 -6.16 21.76 1.68
N ASN A 58 -6.56 21.18 0.57
CA ASN A 58 -7.96 21.20 0.14
C ASN A 58 -8.85 20.52 1.16
N PHE A 59 -8.46 19.33 1.60
CA PHE A 59 -9.20 18.59 2.61
C PHE A 59 -9.03 19.21 3.99
N LEU A 60 -7.81 19.64 4.27
CA LEU A 60 -7.46 20.20 5.58
C LEU A 60 -8.25 21.47 5.87
N ARG A 61 -8.36 22.35 4.88
CA ARG A 61 -9.06 23.61 5.04
C ARG A 61 -10.53 23.39 5.35
N LEU A 62 -11.07 22.27 4.89
CA LEU A 62 -12.47 21.92 5.11
C LEU A 62 -12.70 21.38 6.53
N HIS A 63 -11.62 21.03 7.22
CA HIS A 63 -11.73 20.44 8.55
C HIS A 63 -10.70 21.05 9.49
N PRO A 64 -11.11 21.99 10.35
CA PRO A 64 -10.19 22.60 11.31
C PRO A 64 -9.58 21.55 12.23
N GLY A 65 -8.24 21.54 12.28
CA GLY A 65 -7.56 20.59 13.12
C GLY A 65 -7.26 19.27 12.42
N CYS A 66 -7.69 19.15 11.16
CA CYS A 66 -7.49 17.92 10.40
C CYS A 66 -6.00 17.70 10.15
N GLY A 67 -5.59 16.44 10.20
CA GLY A 67 -4.19 16.12 10.04
C GLY A 67 -3.65 15.30 11.20
N PRO A 68 -3.40 15.94 12.37
CA PRO A 68 -2.82 15.27 13.54
C PRO A 68 -3.74 14.21 14.16
N HIS A 69 -5.00 14.18 13.74
CA HIS A 69 -5.91 13.14 14.21
C HIS A 69 -6.54 12.39 13.05
N THR A 70 -6.23 12.83 11.84
CA THR A 70 -6.81 12.23 10.64
C THR A 70 -5.84 11.26 10.00
N THR A 71 -6.19 9.98 10.01
CA THR A 71 -5.33 8.96 9.43
C THR A 71 -6.04 8.22 8.30
N PHE A 72 -5.39 8.13 7.16
CA PHE A 72 -5.95 7.47 6.00
C PHE A 72 -5.40 6.05 5.88
N ARG A 73 -6.26 5.13 5.50
CA ARG A 73 -5.86 3.75 5.35
C ARG A 73 -6.54 3.11 4.14
N TRP A 74 -5.84 2.22 3.47
CA TRP A 74 -6.43 1.40 2.44
C TRP A 74 -5.98 -0.04 2.62
N GLN A 75 -6.93 -0.95 2.55
CA GLN A 75 -6.62 -2.35 2.69
C GLN A 75 -6.90 -3.05 1.37
N VAL A 76 -5.85 -3.59 0.78
CA VAL A 76 -5.97 -4.28 -0.49
C VAL A 76 -5.74 -5.78 -0.30
N LYS A 77 -6.72 -6.59 -0.69
CA LYS A 77 -6.55 -8.02 -0.74
C LYS A 77 -6.10 -8.43 -2.12
N LEU A 78 -4.85 -8.86 -2.22
CA LEU A 78 -4.24 -9.15 -3.51
C LEU A 78 -4.58 -10.56 -3.96
N ARG A 79 -4.63 -10.74 -5.28
CA ARG A 79 -4.78 -12.06 -5.86
C ARG A 79 -3.40 -12.68 -6.01
N ASN A 80 -3.29 -13.97 -5.74
CA ASN A 80 -2.00 -14.68 -5.72
C ASN A 80 -1.24 -14.33 -4.45
N LEU A 81 -1.53 -15.08 -3.39
CA LEU A 81 -0.83 -14.92 -2.10
C LEU A 81 0.68 -14.85 -2.28
N ILE A 82 1.31 -13.94 -1.56
CA ILE A 82 2.74 -13.69 -1.70
C ILE A 82 3.50 -14.03 -0.44
N GLU A 83 4.82 -14.12 -0.56
CA GLU A 83 5.66 -14.49 0.56
C GLU A 83 6.38 -13.27 1.09
N PRO A 84 5.86 -12.67 2.18
CA PRO A 84 6.37 -11.41 2.74
C PRO A 84 7.85 -11.46 3.09
N GLU A 85 8.31 -12.60 3.59
CA GLU A 85 9.70 -12.76 3.98
C GLU A 85 10.62 -12.66 2.77
N GLN A 86 10.13 -13.11 1.62
CA GLN A 86 10.89 -13.02 0.38
C GLN A 86 10.61 -11.68 -0.29
N CYS A 87 9.51 -11.07 0.08
CA CYS A 87 9.04 -9.84 -0.54
C CYS A 87 9.66 -8.63 0.12
N THR A 88 9.65 -7.53 -0.59
CA THR A 88 10.27 -6.31 -0.09
C THR A 88 9.40 -5.12 -0.43
N PHE A 89 9.68 -4.01 0.20
CA PHE A 89 8.94 -2.78 -0.01
C PHE A 89 9.92 -1.62 -0.17
N CYS A 90 9.44 -0.56 -0.77
CA CYS A 90 10.28 0.53 -1.19
C CYS A 90 9.52 1.86 -1.14
N PHE A 91 9.99 2.78 -0.33
CA PHE A 91 9.32 4.06 -0.20
C PHE A 91 10.21 5.19 -0.69
N THR A 92 9.79 5.84 -1.75
CA THR A 92 10.54 6.95 -2.32
C THR A 92 9.82 8.28 -2.09
N ALA A 93 10.36 9.35 -2.65
CA ALA A 93 9.84 10.68 -2.40
C ALA A 93 8.43 10.87 -2.93
N SER A 94 8.19 10.33 -4.11
CA SER A 94 6.91 10.54 -4.80
C SER A 94 6.21 9.22 -5.07
N ARG A 95 6.92 8.11 -4.97
CA ARG A 95 6.33 6.82 -5.25
C ARG A 95 6.48 5.86 -4.07
N ILE A 96 5.57 4.93 -3.98
CA ILE A 96 5.72 3.80 -3.09
C ILE A 96 5.79 2.53 -3.93
N ASP A 97 6.92 1.85 -3.84
CA ASP A 97 7.22 0.71 -4.67
C ASP A 97 7.14 -0.57 -3.84
N ILE A 98 6.45 -1.58 -4.34
CA ILE A 98 6.42 -2.85 -3.63
C ILE A 98 6.67 -4.01 -4.59
N CYS A 99 7.53 -4.93 -4.20
CA CYS A 99 7.85 -6.08 -5.04
C CYS A 99 7.38 -7.38 -4.40
N LEU A 100 6.34 -7.97 -5.00
CA LEU A 100 5.68 -9.16 -4.46
C LEU A 100 6.03 -10.39 -5.30
N ARG A 101 6.42 -11.48 -4.63
CA ARG A 101 6.82 -12.70 -5.33
C ARG A 101 6.17 -13.96 -4.76
N LYS A 102 5.95 -14.93 -5.65
CA LYS A 102 5.61 -16.33 -5.35
C LYS A 102 5.67 -16.70 -3.85
N ARG A 103 4.52 -16.86 -3.20
CA ARG A 103 4.51 -17.46 -1.87
C ARG A 103 4.85 -18.95 -1.97
N GLN A 104 4.19 -19.63 -2.90
CA GLN A 104 4.36 -21.07 -3.06
C GLN A 104 5.80 -21.41 -3.38
N SER A 105 6.43 -20.54 -4.20
CA SER A 105 7.84 -20.68 -4.57
C SER A 105 8.10 -21.95 -5.38
N GLN A 106 7.05 -22.73 -5.61
CA GLN A 106 7.16 -24.01 -6.27
C GLN A 106 6.59 -23.95 -7.68
N ARG A 107 7.20 -24.71 -8.58
CA ARG A 107 6.66 -24.87 -9.91
C ARG A 107 5.57 -25.92 -9.87
N TRP A 108 4.52 -25.69 -10.65
CA TRP A 108 3.31 -26.50 -10.60
C TRP A 108 3.59 -27.95 -10.97
N GLY A 109 4.60 -28.16 -11.80
CA GLY A 109 4.99 -29.51 -12.18
C GLY A 109 4.05 -30.09 -13.21
N GLY A 110 3.12 -30.91 -12.75
CA GLY A 110 2.18 -31.55 -13.66
C GLY A 110 2.76 -32.80 -14.29
N LEU A 111 3.90 -32.63 -14.95
CA LEU A 111 4.55 -33.75 -15.62
C LEU A 111 5.78 -34.20 -14.84
N GLU A 112 5.62 -35.26 -14.06
CA GLU A 112 6.74 -35.87 -13.37
C GLU A 112 7.27 -37.02 -14.22
N ALA A 113 8.55 -37.31 -14.07
CA ALA A 113 9.18 -38.35 -14.87
C ALA A 113 9.10 -39.69 -14.17
N PRO A 114 8.58 -40.71 -14.86
CA PRO A 114 8.52 -42.08 -14.34
C PRO A 114 9.83 -42.81 -14.55
N VAL A 1 -1.67 15.73 17.29
CA VAL A 1 -1.56 14.42 16.66
C VAL A 1 -1.58 13.31 17.71
N ASP A 2 -2.78 12.81 17.97
CA ASP A 2 -2.99 11.71 18.92
C ASP A 2 -4.29 11.01 18.57
N GLU A 3 -4.25 10.30 17.46
CA GLU A 3 -5.43 9.71 16.86
C GLU A 3 -5.96 8.52 17.67
N PRO A 4 -7.20 8.63 18.17
CA PRO A 4 -7.87 7.54 18.87
C PRO A 4 -8.37 6.46 17.91
N GLU A 5 -9.30 6.84 17.05
CA GLU A 5 -9.84 5.93 16.04
C GLU A 5 -10.54 6.72 14.94
N SER A 6 -9.98 7.88 14.62
CA SER A 6 -10.52 8.73 13.59
C SER A 6 -9.83 8.46 12.25
N MET A 7 -10.40 7.54 11.50
CA MET A 7 -9.76 7.07 10.27
C MET A 7 -10.64 7.32 9.06
N VAL A 8 -9.99 7.51 7.91
CA VAL A 8 -10.70 7.68 6.65
C VAL A 8 -10.46 6.50 5.73
N ASN A 9 -11.53 6.06 5.10
CA ASN A 9 -11.51 4.95 4.18
C ASN A 9 -11.38 5.49 2.78
N LEU A 10 -10.31 5.11 2.13
CA LEU A 10 -9.98 5.65 0.83
C LEU A 10 -10.71 4.89 -0.27
N ALA A 11 -11.35 5.65 -1.14
CA ALA A 11 -12.01 5.10 -2.31
C ALA A 11 -11.26 5.51 -3.56
N PHE A 12 -10.50 6.59 -3.43
CA PHE A 12 -9.82 7.20 -4.54
C PHE A 12 -8.33 6.86 -4.47
N VAL A 13 -7.80 6.38 -5.58
CA VAL A 13 -6.40 6.00 -5.65
C VAL A 13 -5.69 6.63 -6.83
N LYS A 14 -4.41 6.88 -6.64
CA LYS A 14 -3.53 7.38 -7.68
C LYS A 14 -2.31 6.47 -7.75
N ASN A 15 -2.58 5.19 -7.83
CA ASN A 15 -1.53 4.19 -7.84
C ASN A 15 -1.55 3.43 -9.16
N ASP A 16 -0.50 2.68 -9.44
CA ASP A 16 -0.47 1.84 -10.62
C ASP A 16 0.28 0.56 -10.33
N SER A 17 -0.24 -0.56 -10.81
CA SER A 17 0.37 -1.84 -10.57
C SER A 17 1.00 -2.38 -11.85
N TYR A 18 2.13 -3.06 -11.70
CA TYR A 18 2.86 -3.61 -12.84
C TYR A 18 3.35 -5.01 -12.52
N GLU A 19 3.28 -5.90 -13.49
CA GLU A 19 3.71 -7.26 -13.29
C GLU A 19 5.05 -7.50 -13.97
N LYS A 20 6.05 -7.80 -13.18
CA LYS A 20 7.39 -8.07 -13.69
C LYS A 20 7.89 -9.39 -13.16
N GLY A 21 8.18 -10.30 -14.07
CA GLY A 21 8.51 -11.66 -13.69
C GLY A 21 7.28 -12.53 -13.64
N PRO A 22 7.44 -13.85 -13.80
CA PRO A 22 6.30 -14.78 -13.84
C PRO A 22 5.56 -14.88 -12.50
N ASP A 23 6.21 -14.45 -11.42
CA ASP A 23 5.62 -14.62 -10.08
C ASP A 23 5.41 -13.28 -9.39
N SER A 24 6.02 -12.23 -9.91
CA SER A 24 6.09 -10.99 -9.18
C SER A 24 5.34 -9.85 -9.85
N VAL A 25 4.84 -8.97 -9.00
CA VAL A 25 4.12 -7.79 -9.42
C VAL A 25 4.43 -6.64 -8.47
N VAL A 26 4.95 -5.55 -9.01
CA VAL A 26 5.36 -4.41 -8.20
C VAL A 26 4.44 -3.22 -8.48
N VAL A 27 3.91 -2.65 -7.42
CA VAL A 27 2.94 -1.58 -7.53
C VAL A 27 3.52 -0.26 -7.02
N HIS A 28 3.06 0.83 -7.62
CA HIS A 28 3.55 2.16 -7.29
C HIS A 28 2.44 3.00 -6.70
N VAL A 29 2.57 3.38 -5.44
CA VAL A 29 1.57 4.21 -4.79
C VAL A 29 2.09 5.63 -4.64
N TYR A 30 1.18 6.60 -4.72
CA TYR A 30 1.54 8.00 -4.56
C TYR A 30 1.63 8.35 -3.07
N VAL A 31 2.83 8.63 -2.59
CA VAL A 31 3.00 9.04 -1.22
C VAL A 31 3.77 10.36 -1.13
N LYS A 32 3.09 11.37 -0.64
CA LYS A 32 3.68 12.67 -0.46
C LYS A 32 3.17 13.30 0.83
N GLU A 33 4.01 14.17 1.41
CA GLU A 33 3.67 15.00 2.57
C GLU A 33 2.93 14.22 3.67
N ILE A 34 3.34 12.97 3.82
CA ILE A 34 2.76 12.09 4.83
C ILE A 34 3.53 12.19 6.13
N CYS A 35 2.79 12.10 7.24
CA CYS A 35 3.39 12.05 8.55
C CYS A 35 4.08 10.71 8.74
N ARG A 36 5.36 10.67 8.40
CA ARG A 36 6.13 9.43 8.38
C ARG A 36 6.24 8.83 9.78
N ASP A 37 6.02 9.65 10.80
CA ASP A 37 6.02 9.18 12.18
C ASP A 37 4.84 8.25 12.44
N THR A 38 3.81 8.36 11.63
CA THR A 38 2.60 7.60 11.85
C THR A 38 2.26 6.74 10.64
N SER A 39 3.20 6.70 9.71
CA SER A 39 3.04 5.91 8.50
C SER A 39 3.57 4.50 8.73
N ARG A 40 2.69 3.53 8.57
CA ARG A 40 3.01 2.16 8.87
C ARG A 40 2.37 1.23 7.83
N VAL A 41 3.07 0.17 7.47
CA VAL A 41 2.50 -0.84 6.60
C VAL A 41 2.36 -2.16 7.35
N LEU A 42 1.15 -2.68 7.38
CA LEU A 42 0.89 -3.94 8.03
C LEU A 42 0.52 -4.99 6.98
N PHE A 43 1.41 -5.94 6.76
CA PHE A 43 1.22 -6.92 5.69
C PHE A 43 1.39 -8.34 6.20
N ARG A 44 0.64 -9.25 5.60
CA ARG A 44 0.70 -10.66 5.95
C ARG A 44 0.57 -11.52 4.70
N GLU A 45 0.36 -12.82 4.90
CA GLU A 45 0.28 -13.82 3.83
C GLU A 45 -0.52 -13.37 2.59
N GLN A 46 -1.73 -12.84 2.78
CA GLN A 46 -2.54 -12.49 1.61
C GLN A 46 -2.91 -11.01 1.56
N ASP A 47 -2.83 -10.31 2.68
CA ASP A 47 -3.30 -8.93 2.72
C ASP A 47 -2.37 -7.99 3.41
N PHE A 48 -2.59 -6.73 3.14
CA PHE A 48 -1.84 -5.65 3.76
C PHE A 48 -2.70 -4.40 3.91
N THR A 49 -2.43 -3.65 4.95
CA THR A 49 -3.10 -2.39 5.19
C THR A 49 -2.08 -1.28 5.35
N LEU A 50 -2.22 -0.23 4.55
CA LEU A 50 -1.38 0.93 4.73
C LEU A 50 -2.07 1.86 5.71
N ILE A 51 -1.48 2.03 6.88
CA ILE A 51 -2.06 2.85 7.92
C ILE A 51 -1.16 4.04 8.18
N PHE A 52 -1.61 5.22 7.83
CA PHE A 52 -0.78 6.40 7.99
C PHE A 52 -1.59 7.70 8.00
N GLN A 53 -0.92 8.78 8.36
CA GLN A 53 -1.52 10.08 8.39
C GLN A 53 -0.74 11.02 7.50
N THR A 54 -1.43 12.00 6.95
CA THR A 54 -0.82 12.91 5.99
C THR A 54 -1.55 14.24 6.06
N ARG A 55 -1.09 15.22 5.31
CA ARG A 55 -1.86 16.45 5.21
C ARG A 55 -2.33 16.63 3.77
N ASP A 56 -3.64 16.56 3.59
CA ASP A 56 -4.27 16.74 2.32
C ASP A 56 -4.81 18.15 2.21
N GLY A 57 -4.07 19.02 1.51
CA GLY A 57 -4.43 20.42 1.46
C GLY A 57 -5.85 20.66 0.98
N ASN A 58 -6.26 19.87 -0.01
CA ASN A 58 -7.60 19.98 -0.56
C ASN A 58 -8.68 19.60 0.46
N PHE A 59 -8.49 18.48 1.15
CA PHE A 59 -9.46 18.02 2.12
C PHE A 59 -9.37 18.81 3.42
N LEU A 60 -8.16 19.04 3.90
CA LEU A 60 -7.96 19.67 5.21
C LEU A 60 -8.54 21.08 5.23
N ARG A 61 -8.49 21.80 4.11
CA ARG A 61 -9.05 23.13 4.06
C ARG A 61 -10.56 23.07 4.29
N LEU A 62 -11.17 21.98 3.83
CA LEU A 62 -12.60 21.78 3.99
C LEU A 62 -12.93 21.19 5.36
N HIS A 63 -11.94 20.56 5.99
CA HIS A 63 -12.17 19.79 7.21
C HIS A 63 -11.25 20.24 8.32
N PRO A 64 -11.80 20.89 9.35
CA PRO A 64 -11.00 21.37 10.47
C PRO A 64 -10.32 20.24 11.20
N GLY A 65 -9.01 20.35 11.36
CA GLY A 65 -8.26 19.36 12.09
C GLY A 65 -7.90 18.14 11.24
N CYS A 66 -8.37 18.10 10.00
CA CYS A 66 -8.09 16.96 9.14
C CYS A 66 -6.59 16.88 8.86
N GLY A 67 -6.07 15.66 8.86
CA GLY A 67 -4.65 15.47 8.70
C GLY A 67 -3.99 14.95 9.97
N PRO A 68 -3.64 15.85 10.91
CA PRO A 68 -2.88 15.50 12.13
C PRO A 68 -3.54 14.44 13.02
N HIS A 69 -4.87 14.33 12.98
CA HIS A 69 -5.54 13.33 13.81
C HIS A 69 -6.32 12.36 12.94
N THR A 70 -6.25 12.57 11.65
CA THR A 70 -7.00 11.77 10.71
C THR A 70 -6.12 10.72 10.07
N THR A 71 -6.39 9.46 10.37
CA THR A 71 -5.62 8.38 9.80
C THR A 71 -6.27 7.83 8.55
N PHE A 72 -5.59 7.97 7.44
CA PHE A 72 -6.03 7.40 6.19
C PHE A 72 -5.43 6.02 6.03
N ARG A 73 -6.24 5.04 5.66
CA ARG A 73 -5.74 3.69 5.51
C ARG A 73 -6.36 3.01 4.30
N TRP A 74 -5.55 2.24 3.60
CA TRP A 74 -6.00 1.49 2.45
C TRP A 74 -5.61 0.04 2.66
N GLN A 75 -6.57 -0.86 2.47
CA GLN A 75 -6.37 -2.26 2.80
C GLN A 75 -6.63 -3.13 1.57
N VAL A 76 -5.60 -3.83 1.14
CA VAL A 76 -5.70 -4.72 -0.01
C VAL A 76 -5.64 -6.18 0.42
N LYS A 77 -6.68 -6.93 0.08
CA LYS A 77 -6.66 -8.38 0.26
C LYS A 77 -6.44 -9.06 -1.08
N LEU A 78 -5.28 -9.68 -1.25
CA LEU A 78 -4.92 -10.29 -2.51
C LEU A 78 -5.39 -11.74 -2.57
N ARG A 79 -5.93 -12.11 -3.71
CA ARG A 79 -6.39 -13.47 -3.92
C ARG A 79 -5.25 -14.35 -4.41
N ASN A 80 -5.41 -15.65 -4.18
CA ASN A 80 -4.44 -16.70 -4.56
C ASN A 80 -3.08 -16.60 -3.85
N LEU A 81 -3.04 -15.76 -2.79
CA LEU A 81 -1.94 -15.79 -1.81
C LEU A 81 -0.60 -15.23 -2.36
N ILE A 82 0.11 -14.52 -1.50
CA ILE A 82 1.48 -14.08 -1.81
C ILE A 82 2.44 -14.60 -0.76
N GLU A 83 3.72 -14.42 -0.99
CA GLU A 83 4.74 -14.84 -0.04
C GLU A 83 5.38 -13.61 0.61
N PRO A 84 4.87 -13.21 1.78
CA PRO A 84 5.33 -11.99 2.47
C PRO A 84 6.83 -11.99 2.77
N GLU A 85 7.38 -13.15 3.11
CA GLU A 85 8.79 -13.23 3.47
C GLU A 85 9.68 -13.01 2.27
N GLN A 86 9.16 -13.32 1.09
CA GLN A 86 9.90 -13.06 -0.14
C GLN A 86 9.66 -11.64 -0.60
N CYS A 87 8.56 -11.05 -0.14
CA CYS A 87 8.13 -9.75 -0.61
C CYS A 87 8.85 -8.63 0.13
N THR A 88 9.06 -7.55 -0.59
CA THR A 88 9.78 -6.40 -0.08
C THR A 88 9.13 -5.13 -0.60
N PHE A 89 9.57 -3.99 -0.11
CA PHE A 89 9.08 -2.72 -0.59
C PHE A 89 10.24 -1.85 -1.03
N CYS A 90 9.94 -0.83 -1.79
CA CYS A 90 10.95 -0.07 -2.50
C CYS A 90 10.56 1.40 -2.56
N PHE A 91 11.55 2.29 -2.62
CA PHE A 91 11.27 3.71 -2.68
C PHE A 91 11.87 4.34 -3.92
N THR A 92 11.02 4.85 -4.80
CA THR A 92 11.48 5.69 -5.88
C THR A 92 11.63 7.12 -5.38
N ALA A 93 11.97 8.04 -6.28
CA ALA A 93 12.33 9.39 -5.87
C ALA A 93 11.17 10.09 -5.19
N SER A 94 9.98 9.93 -5.74
CA SER A 94 8.80 10.59 -5.20
C SER A 94 7.69 9.60 -4.85
N ARG A 95 7.78 8.39 -5.36
CA ARG A 95 6.71 7.42 -5.20
C ARG A 95 7.18 6.21 -4.42
N ILE A 96 6.23 5.41 -3.95
CA ILE A 96 6.54 4.20 -3.20
C ILE A 96 6.28 2.98 -4.06
N ASP A 97 7.27 2.10 -4.10
CA ASP A 97 7.21 0.87 -4.86
C ASP A 97 7.05 -0.31 -3.93
N ILE A 98 6.25 -1.29 -4.30
CA ILE A 98 6.18 -2.52 -3.52
C ILE A 98 6.26 -3.74 -4.42
N CYS A 99 7.23 -4.59 -4.18
CA CYS A 99 7.40 -5.79 -5.00
C CYS A 99 6.75 -7.00 -4.32
N LEU A 100 5.64 -7.44 -4.90
CA LEU A 100 4.86 -8.57 -4.38
C LEU A 100 5.07 -9.80 -5.26
N ARG A 101 5.33 -10.95 -4.65
CA ARG A 101 5.43 -12.19 -5.40
C ARG A 101 4.50 -13.25 -4.83
N LYS A 102 3.87 -14.02 -5.71
CA LYS A 102 2.88 -15.01 -5.32
C LYS A 102 3.39 -16.43 -5.53
N ARG A 103 4.31 -16.81 -4.67
CA ARG A 103 5.09 -18.04 -4.78
C ARG A 103 4.20 -19.29 -4.85
N GLN A 104 3.02 -19.24 -4.25
CA GLN A 104 2.14 -20.39 -4.19
C GLN A 104 1.20 -20.48 -5.40
N SER A 105 1.22 -19.47 -6.25
CA SER A 105 0.33 -19.44 -7.41
C SER A 105 0.89 -20.24 -8.59
N GLN A 106 1.68 -21.27 -8.29
CA GLN A 106 2.28 -22.09 -9.31
C GLN A 106 1.41 -23.28 -9.65
N ARG A 107 1.40 -23.66 -10.91
CA ARG A 107 0.62 -24.80 -11.36
C ARG A 107 1.44 -26.06 -11.23
N TRP A 108 1.02 -26.96 -10.35
CA TRP A 108 1.73 -28.20 -10.12
C TRP A 108 1.55 -29.14 -11.31
N GLY A 109 2.64 -29.75 -11.72
CA GLY A 109 2.62 -30.58 -12.92
C GLY A 109 3.03 -29.80 -14.15
N GLY A 110 3.17 -28.49 -13.99
CA GLY A 110 3.59 -27.64 -15.08
C GLY A 110 2.44 -27.24 -15.98
N LEU A 111 2.06 -28.15 -16.88
CA LEU A 111 0.99 -27.93 -17.84
C LEU A 111 1.31 -26.70 -18.70
N GLU A 112 2.56 -26.60 -19.11
CA GLU A 112 3.02 -25.48 -19.90
C GLU A 112 3.39 -25.91 -21.31
N ALA A 113 2.91 -25.17 -22.30
CA ALA A 113 3.29 -25.42 -23.68
C ALA A 113 4.36 -24.43 -24.12
N PRO A 114 5.47 -24.91 -24.66
CA PRO A 114 6.55 -24.08 -25.15
C PRO A 114 6.44 -23.81 -26.65
N VAL A 1 -10.60 19.06 15.51
CA VAL A 1 -9.51 19.30 16.49
C VAL A 1 -9.94 18.77 17.86
N ASP A 2 -8.96 18.45 18.71
CA ASP A 2 -9.21 17.83 20.02
C ASP A 2 -9.73 16.39 19.84
N GLU A 3 -10.89 16.26 19.21
CA GLU A 3 -11.42 14.98 18.81
C GLU A 3 -10.46 14.33 17.82
N PRO A 4 -10.14 13.06 18.02
CA PRO A 4 -9.28 12.33 17.11
C PRO A 4 -10.00 11.97 15.81
N GLU A 5 -10.98 11.06 15.92
CA GLU A 5 -11.68 10.52 14.75
C GLU A 5 -10.67 10.11 13.70
N SER A 6 -9.62 9.44 14.16
CA SER A 6 -8.47 9.17 13.33
C SER A 6 -8.65 7.95 12.45
N MET A 7 -9.77 7.93 11.75
CA MET A 7 -10.06 6.87 10.81
C MET A 7 -10.66 7.44 9.54
N VAL A 8 -9.91 7.41 8.45
CA VAL A 8 -10.48 7.73 7.15
C VAL A 8 -10.27 6.60 6.16
N ASN A 9 -11.32 6.29 5.43
CA ASN A 9 -11.26 5.30 4.38
C ASN A 9 -10.99 6.03 3.08
N LEU A 10 -9.97 5.62 2.37
CA LEU A 10 -9.60 6.31 1.15
C LEU A 10 -10.44 5.79 -0.01
N ALA A 11 -11.11 6.73 -0.69
CA ALA A 11 -12.02 6.38 -1.78
C ALA A 11 -11.41 6.72 -3.13
N PHE A 12 -10.27 7.42 -3.10
CA PHE A 12 -9.59 7.79 -4.32
C PHE A 12 -8.37 6.89 -4.49
N VAL A 13 -8.25 6.31 -5.67
CA VAL A 13 -7.14 5.42 -5.93
C VAL A 13 -6.27 5.94 -7.07
N LYS A 14 -4.99 6.05 -6.78
CA LYS A 14 -4.00 6.38 -7.79
C LYS A 14 -2.78 5.49 -7.58
N ASN A 15 -3.04 4.21 -7.51
CA ASN A 15 -1.98 3.26 -7.36
C ASN A 15 -1.92 2.40 -8.62
N ASP A 16 -0.72 2.11 -9.08
CA ASP A 16 -0.57 1.43 -10.35
C ASP A 16 0.29 0.20 -10.17
N SER A 17 -0.10 -0.89 -10.79
CA SER A 17 0.66 -2.11 -10.70
C SER A 17 1.43 -2.36 -11.97
N TYR A 18 2.62 -2.92 -11.83
CA TYR A 18 3.46 -3.26 -12.96
C TYR A 18 4.04 -4.64 -12.76
N GLU A 19 4.01 -5.45 -13.78
CA GLU A 19 4.46 -6.83 -13.66
C GLU A 19 5.82 -6.98 -14.30
N LYS A 20 6.82 -7.13 -13.44
CA LYS A 20 8.20 -7.19 -13.87
C LYS A 20 8.88 -8.44 -13.33
N GLY A 21 9.37 -9.25 -14.25
CA GLY A 21 9.93 -10.52 -13.88
C GLY A 21 8.91 -11.64 -14.00
N PRO A 22 9.35 -12.88 -14.23
CA PRO A 22 8.45 -14.03 -14.40
C PRO A 22 7.74 -14.41 -13.10
N ASP A 23 8.24 -13.90 -11.98
CA ASP A 23 7.79 -14.34 -10.67
C ASP A 23 7.03 -13.26 -9.93
N SER A 24 7.27 -12.00 -10.30
CA SER A 24 6.93 -10.91 -9.42
C SER A 24 6.22 -9.76 -10.13
N VAL A 25 5.55 -8.97 -9.33
CA VAL A 25 4.85 -7.79 -9.77
C VAL A 25 5.07 -6.66 -8.77
N VAL A 26 5.57 -5.53 -9.24
CA VAL A 26 5.82 -4.42 -8.36
C VAL A 26 4.78 -3.32 -8.56
N VAL A 27 4.08 -3.03 -7.48
CA VAL A 27 3.00 -2.07 -7.51
C VAL A 27 3.37 -0.83 -6.73
N HIS A 28 2.98 0.32 -7.21
CA HIS A 28 3.35 1.56 -6.57
C HIS A 28 2.15 2.40 -6.23
N VAL A 29 2.10 2.86 -4.99
CA VAL A 29 1.04 3.70 -4.51
C VAL A 29 1.51 5.15 -4.50
N TYR A 30 0.59 6.08 -4.74
CA TYR A 30 0.94 7.48 -4.76
C TYR A 30 1.08 7.98 -3.32
N VAL A 31 2.31 8.14 -2.87
CA VAL A 31 2.55 8.61 -1.53
C VAL A 31 3.08 10.03 -1.55
N LYS A 32 2.29 10.93 -0.99
CA LYS A 32 2.65 12.31 -0.87
C LYS A 32 2.24 12.86 0.49
N GLU A 33 3.08 13.72 1.03
CA GLU A 33 2.82 14.41 2.30
C GLU A 33 2.32 13.45 3.38
N ILE A 34 2.83 12.23 3.37
CA ILE A 34 2.45 11.25 4.37
C ILE A 34 3.43 11.28 5.54
N CYS A 35 2.87 11.33 6.74
CA CYS A 35 3.67 11.32 7.96
C CYS A 35 4.28 9.94 8.15
N ARG A 36 5.49 9.78 7.63
CA ARG A 36 6.22 8.52 7.69
C ARG A 36 6.50 8.12 9.14
N ASP A 37 6.43 9.11 10.03
CA ASP A 37 6.65 8.88 11.45
C ASP A 37 5.49 8.12 12.07
N THR A 38 4.32 8.22 11.45
CA THR A 38 3.13 7.63 12.01
C THR A 38 2.49 6.67 11.04
N SER A 39 3.17 6.45 9.93
CA SER A 39 2.73 5.51 8.92
C SER A 39 3.09 4.10 9.34
N ARG A 40 2.08 3.26 9.44
CA ARG A 40 2.24 1.91 9.95
C ARG A 40 1.81 0.91 8.90
N VAL A 41 2.67 -0.04 8.59
CA VAL A 41 2.40 -0.98 7.53
C VAL A 41 2.03 -2.36 8.08
N LEU A 42 0.87 -2.85 7.69
CA LEU A 42 0.43 -4.18 8.08
C LEU A 42 0.20 -5.03 6.84
N PHE A 43 1.07 -6.01 6.63
CA PHE A 43 0.94 -6.90 5.50
C PHE A 43 0.93 -8.34 5.97
N ARG A 44 0.06 -9.15 5.38
CA ARG A 44 0.04 -10.56 5.69
C ARG A 44 -0.05 -11.37 4.41
N GLU A 45 -0.32 -12.66 4.56
CA GLU A 45 -0.39 -13.62 3.45
C GLU A 45 -1.02 -13.03 2.17
N GLN A 46 -2.30 -12.68 2.20
CA GLN A 46 -2.95 -12.17 0.99
C GLN A 46 -3.52 -10.76 1.14
N ASP A 47 -3.73 -10.30 2.36
CA ASP A 47 -4.25 -8.94 2.54
C ASP A 47 -3.25 -8.05 3.24
N PHE A 48 -3.47 -6.77 3.10
CA PHE A 48 -2.66 -5.75 3.73
C PHE A 48 -3.50 -4.52 4.07
N THR A 49 -3.10 -3.83 5.11
CA THR A 49 -3.76 -2.59 5.49
C THR A 49 -2.73 -1.50 5.73
N LEU A 50 -2.93 -0.36 5.11
CA LEU A 50 -2.02 0.77 5.29
C LEU A 50 -2.67 1.83 6.15
N ILE A 51 -2.11 2.04 7.33
CA ILE A 51 -2.64 3.02 8.27
C ILE A 51 -1.60 4.11 8.52
N PHE A 52 -1.92 5.34 8.15
CA PHE A 52 -0.98 6.44 8.31
C PHE A 52 -1.69 7.79 8.40
N GLN A 53 -0.93 8.81 8.70
CA GLN A 53 -1.43 10.17 8.71
C GLN A 53 -0.79 10.94 7.58
N THR A 54 -1.51 11.90 7.03
CA THR A 54 -1.05 12.62 5.86
C THR A 54 -1.59 14.04 5.88
N ARG A 55 -1.16 14.85 4.92
CA ARG A 55 -1.66 16.19 4.78
C ARG A 55 -1.98 16.45 3.32
N ASP A 56 -3.22 16.79 3.05
CA ASP A 56 -3.61 17.12 1.69
C ASP A 56 -4.33 18.46 1.71
N GLY A 57 -3.65 19.47 1.17
CA GLY A 57 -4.09 20.85 1.33
C GLY A 57 -5.51 21.09 0.86
N ASN A 58 -5.87 20.43 -0.23
CA ASN A 58 -7.22 20.55 -0.78
C ASN A 58 -8.25 19.96 0.17
N PHE A 59 -7.95 18.77 0.66
CA PHE A 59 -8.84 18.05 1.54
C PHE A 59 -8.88 18.67 2.93
N LEU A 60 -7.70 18.93 3.47
CA LEU A 60 -7.59 19.41 4.85
C LEU A 60 -8.20 20.81 5.00
N ARG A 61 -8.15 21.61 3.95
CA ARG A 61 -8.70 22.95 4.01
C ARG A 61 -10.23 22.90 4.10
N LEU A 62 -10.79 21.80 3.62
CA LEU A 62 -12.23 21.58 3.70
C LEU A 62 -12.61 21.14 5.11
N HIS A 63 -11.62 20.68 5.88
CA HIS A 63 -11.87 20.21 7.24
C HIS A 63 -10.78 20.73 8.17
N PRO A 64 -10.91 21.97 8.67
CA PRO A 64 -9.90 22.57 9.54
C PRO A 64 -9.54 21.66 10.71
N GLY A 65 -8.26 21.41 10.88
CA GLY A 65 -7.80 20.53 11.94
C GLY A 65 -7.55 19.11 11.46
N CYS A 66 -7.95 18.82 10.22
CA CYS A 66 -7.73 17.50 9.63
C CYS A 66 -6.24 17.30 9.35
N GLY A 67 -5.77 16.09 9.54
CA GLY A 67 -4.37 15.79 9.32
C GLY A 67 -3.72 15.17 10.53
N PRO A 68 -3.27 15.99 11.50
CA PRO A 68 -2.62 15.50 12.72
C PRO A 68 -3.53 14.64 13.57
N HIS A 69 -4.84 14.90 13.49
CA HIS A 69 -5.82 14.12 14.23
C HIS A 69 -6.40 13.04 13.34
N THR A 70 -6.19 13.18 12.06
CA THR A 70 -6.85 12.32 11.10
C THR A 70 -5.92 11.23 10.58
N THR A 71 -6.23 9.99 10.91
CA THR A 71 -5.46 8.86 10.41
C THR A 71 -6.23 8.14 9.31
N PHE A 72 -5.55 7.93 8.21
CA PHE A 72 -6.13 7.34 7.01
C PHE A 72 -5.68 5.90 6.89
N ARG A 73 -6.56 5.06 6.38
CA ARG A 73 -6.26 3.66 6.22
C ARG A 73 -6.90 3.11 4.94
N TRP A 74 -6.20 2.23 4.24
CA TRP A 74 -6.80 1.51 3.13
C TRP A 74 -6.48 0.04 3.26
N GLN A 75 -7.50 -0.79 3.10
CA GLN A 75 -7.34 -2.21 3.27
C GLN A 75 -7.73 -2.92 1.99
N VAL A 76 -6.76 -3.61 1.40
CA VAL A 76 -6.99 -4.36 0.18
C VAL A 76 -6.71 -5.85 0.42
N LYS A 77 -7.68 -6.69 0.08
CA LYS A 77 -7.50 -8.13 0.16
C LYS A 77 -7.31 -8.73 -1.22
N LEU A 78 -6.34 -9.61 -1.35
CA LEU A 78 -6.13 -10.33 -2.59
C LEU A 78 -6.44 -11.80 -2.37
N ARG A 79 -6.89 -12.47 -3.42
CA ARG A 79 -7.08 -13.91 -3.36
C ARG A 79 -5.80 -14.59 -3.79
N ASN A 80 -5.55 -15.79 -3.24
CA ASN A 80 -4.30 -16.52 -3.48
C ASN A 80 -3.14 -15.79 -2.81
N LEU A 81 -2.94 -16.09 -1.53
CA LEU A 81 -1.88 -15.49 -0.73
C LEU A 81 -0.52 -15.58 -1.43
N ILE A 82 0.30 -14.58 -1.19
CA ILE A 82 1.62 -14.48 -1.80
C ILE A 82 2.69 -14.63 -0.73
N GLU A 83 3.91 -15.01 -1.13
CA GLU A 83 4.93 -15.47 -0.17
C GLU A 83 5.49 -14.33 0.68
N PRO A 84 4.92 -14.07 1.87
CA PRO A 84 5.13 -12.80 2.59
C PRO A 84 6.59 -12.48 2.85
N GLU A 85 7.35 -13.51 3.18
CA GLU A 85 8.74 -13.37 3.59
C GLU A 85 9.60 -12.88 2.45
N GLN A 86 9.21 -13.23 1.24
CA GLN A 86 10.02 -12.97 0.06
C GLN A 86 9.76 -11.58 -0.52
N CYS A 87 8.79 -10.86 0.03
CA CYS A 87 8.40 -9.58 -0.53
C CYS A 87 9.30 -8.46 -0.06
N THR A 88 9.48 -7.52 -0.95
CA THR A 88 10.40 -6.43 -0.73
C THR A 88 9.73 -5.10 -1.08
N PHE A 89 10.40 -4.00 -0.77
CA PHE A 89 9.85 -2.69 -1.01
C PHE A 89 10.81 -1.87 -1.86
N CYS A 90 10.29 -0.81 -2.43
CA CYS A 90 11.02 0.05 -3.34
C CYS A 90 10.54 1.49 -3.17
N PHE A 91 11.45 2.43 -3.14
CA PHE A 91 11.08 3.81 -2.88
C PHE A 91 11.53 4.73 -4.00
N THR A 92 10.56 5.34 -4.67
CA THR A 92 10.85 6.37 -5.65
C THR A 92 10.56 7.76 -5.07
N ALA A 93 10.69 8.80 -5.87
CA ALA A 93 10.59 10.16 -5.35
C ALA A 93 9.17 10.54 -4.97
N SER A 94 8.21 10.15 -5.80
CA SER A 94 6.84 10.57 -5.63
C SER A 94 5.92 9.39 -5.32
N ARG A 95 6.44 8.20 -5.49
CA ARG A 95 5.66 7.00 -5.27
C ARG A 95 6.34 6.06 -4.29
N ILE A 96 5.57 5.13 -3.76
CA ILE A 96 6.10 4.02 -3.00
C ILE A 96 5.84 2.73 -3.74
N ASP A 97 6.90 2.04 -4.07
CA ASP A 97 6.84 0.85 -4.91
C ASP A 97 7.00 -0.41 -4.06
N ILE A 98 6.24 -1.45 -4.37
CA ILE A 98 6.35 -2.69 -3.64
C ILE A 98 6.42 -3.88 -4.60
N CYS A 99 7.41 -4.73 -4.42
CA CYS A 99 7.55 -5.91 -5.25
C CYS A 99 6.88 -7.11 -4.58
N LEU A 100 5.82 -7.61 -5.22
CA LEU A 100 5.00 -8.70 -4.71
C LEU A 100 5.43 -10.02 -5.34
N ARG A 101 5.62 -11.03 -4.50
CA ARG A 101 6.36 -12.23 -4.87
C ARG A 101 5.53 -13.50 -5.09
N LYS A 102 5.76 -14.09 -6.27
CA LYS A 102 5.48 -15.49 -6.57
C LYS A 102 4.02 -15.80 -6.91
N ARG A 103 3.20 -16.00 -5.88
CA ARG A 103 1.92 -16.68 -6.03
C ARG A 103 0.94 -15.95 -6.97
N GLN A 104 1.11 -14.65 -7.12
CA GLN A 104 0.13 -13.86 -7.90
C GLN A 104 0.30 -14.08 -9.41
N SER A 105 1.33 -14.81 -9.80
CA SER A 105 1.51 -15.16 -11.20
C SER A 105 0.74 -16.43 -11.52
N GLN A 106 -0.35 -16.29 -12.24
CA GLN A 106 -1.20 -17.43 -12.58
C GLN A 106 -0.80 -18.01 -13.92
N ARG A 107 -0.90 -19.33 -14.02
CA ARG A 107 -0.53 -20.02 -15.23
C ARG A 107 -1.77 -20.46 -16.00
N TRP A 108 -1.94 -19.89 -17.18
CA TRP A 108 -3.02 -20.27 -18.06
C TRP A 108 -2.84 -21.71 -18.51
N GLY A 109 -3.63 -22.60 -17.95
CA GLY A 109 -3.55 -24.00 -18.30
C GLY A 109 -4.69 -24.79 -17.73
N GLY A 110 -5.39 -25.52 -18.59
CA GLY A 110 -6.51 -26.32 -18.15
C GLY A 110 -6.08 -27.58 -17.41
N LEU A 111 -5.63 -27.40 -16.18
CA LEU A 111 -5.26 -28.53 -15.33
C LEU A 111 -6.52 -29.24 -14.83
N GLU A 112 -7.62 -28.51 -14.87
CA GLU A 112 -8.91 -29.00 -14.43
C GLU A 112 -9.58 -29.74 -15.57
N ALA A 113 -10.00 -30.97 -15.31
CA ALA A 113 -10.56 -31.82 -16.35
C ALA A 113 -11.99 -31.44 -16.66
N PRO A 114 -12.30 -31.24 -17.96
CA PRO A 114 -13.65 -30.99 -18.44
C PRO A 114 -14.50 -32.26 -18.35
N VAL A 1 -0.92 17.64 16.02
CA VAL A 1 -0.50 16.23 15.96
C VAL A 1 -1.09 15.47 17.14
N ASP A 2 -2.26 14.86 16.91
CA ASP A 2 -2.95 14.12 17.96
C ASP A 2 -3.96 13.16 17.36
N GLU A 3 -3.81 11.88 17.68
CA GLU A 3 -4.69 10.86 17.14
C GLU A 3 -5.80 10.53 18.13
N PRO A 4 -7.04 10.89 17.78
CA PRO A 4 -8.23 10.57 18.60
C PRO A 4 -8.75 9.15 18.36
N GLU A 5 -8.03 8.46 17.48
CA GLU A 5 -8.38 7.10 17.06
C GLU A 5 -9.64 7.17 16.18
N SER A 6 -9.49 7.85 15.06
CA SER A 6 -10.55 7.99 14.08
C SER A 6 -9.95 7.83 12.69
N MET A 7 -9.67 6.59 12.35
CA MET A 7 -9.03 6.26 11.10
C MET A 7 -9.99 6.38 9.94
N VAL A 8 -9.62 7.19 8.95
CA VAL A 8 -10.44 7.37 7.77
C VAL A 8 -9.88 6.55 6.63
N ASN A 9 -10.77 5.91 5.91
CA ASN A 9 -10.39 5.03 4.83
C ASN A 9 -10.12 5.85 3.59
N LEU A 10 -9.18 5.42 2.81
CA LEU A 10 -8.83 6.11 1.60
C LEU A 10 -9.64 5.55 0.44
N ALA A 11 -10.27 6.43 -0.31
CA ALA A 11 -11.13 6.03 -1.40
C ALA A 11 -10.42 6.20 -2.73
N PHE A 12 -9.38 7.00 -2.74
CA PHE A 12 -8.65 7.27 -3.96
C PHE A 12 -7.18 6.89 -3.80
N VAL A 13 -6.68 6.13 -4.75
CA VAL A 13 -5.27 5.80 -4.78
C VAL A 13 -4.73 6.03 -6.20
N LYS A 14 -3.55 6.61 -6.29
CA LYS A 14 -2.92 6.84 -7.57
C LYS A 14 -1.73 5.91 -7.71
N ASN A 15 -1.86 4.93 -8.59
CA ASN A 15 -0.80 3.96 -8.80
C ASN A 15 -0.83 3.33 -10.17
N ASP A 16 0.21 2.59 -10.43
CA ASP A 16 0.33 1.77 -11.63
C ASP A 16 1.00 0.45 -11.27
N SER A 17 0.51 -0.63 -11.83
CA SER A 17 1.11 -1.92 -11.59
C SER A 17 1.87 -2.39 -12.82
N TYR A 18 2.98 -3.07 -12.58
CA TYR A 18 3.81 -3.61 -13.65
C TYR A 18 4.17 -5.05 -13.35
N GLU A 19 4.17 -5.88 -14.35
CA GLU A 19 4.47 -7.28 -14.14
C GLU A 19 5.90 -7.59 -14.55
N LYS A 20 6.71 -7.88 -13.55
CA LYS A 20 8.12 -8.18 -13.76
C LYS A 20 8.47 -9.51 -13.13
N GLY A 21 8.90 -10.44 -13.95
CA GLY A 21 9.06 -11.81 -13.53
C GLY A 21 7.85 -12.64 -13.93
N PRO A 22 7.93 -13.98 -13.86
CA PRO A 22 6.83 -14.86 -14.28
C PRO A 22 5.58 -14.70 -13.42
N ASP A 23 5.78 -14.57 -12.11
CA ASP A 23 4.67 -14.51 -11.17
C ASP A 23 4.61 -13.18 -10.44
N SER A 24 5.66 -12.40 -10.56
CA SER A 24 5.81 -11.25 -9.70
C SER A 24 5.38 -9.97 -10.41
N VAL A 25 4.80 -9.09 -9.64
CA VAL A 25 4.27 -7.85 -10.14
C VAL A 25 4.63 -6.71 -9.19
N VAL A 26 5.31 -5.71 -9.72
CA VAL A 26 5.74 -4.58 -8.92
C VAL A 26 4.88 -3.36 -9.23
N VAL A 27 4.38 -2.74 -8.18
CA VAL A 27 3.44 -1.65 -8.33
C VAL A 27 4.01 -0.36 -7.77
N HIS A 28 3.65 0.75 -8.40
CA HIS A 28 4.13 2.05 -7.96
C HIS A 28 2.97 2.87 -7.46
N VAL A 29 2.95 3.13 -6.17
CA VAL A 29 1.93 3.97 -5.60
C VAL A 29 2.47 5.39 -5.44
N TYR A 30 1.68 6.35 -5.88
CA TYR A 30 2.06 7.74 -5.74
C TYR A 30 1.63 8.24 -4.38
N VAL A 31 2.57 8.30 -3.46
CA VAL A 31 2.24 8.75 -2.10
C VAL A 31 3.18 9.86 -1.64
N LYS A 32 2.60 11.02 -1.40
CA LYS A 32 3.33 12.17 -0.92
C LYS A 32 2.67 12.72 0.34
N GLU A 33 3.36 13.65 1.00
CA GLU A 33 2.87 14.30 2.22
C GLU A 33 2.63 13.29 3.34
N ILE A 34 3.48 12.30 3.42
CA ILE A 34 3.33 11.24 4.42
C ILE A 34 3.83 11.71 5.78
N CYS A 35 3.00 11.52 6.79
CA CYS A 35 3.42 11.73 8.16
C CYS A 35 4.08 10.46 8.68
N ARG A 36 5.41 10.43 8.57
CA ARG A 36 6.20 9.26 8.93
C ARG A 36 6.06 8.91 10.41
N ASP A 37 5.57 9.85 11.20
CA ASP A 37 5.42 9.67 12.63
C ASP A 37 4.53 8.48 12.94
N THR A 38 3.53 8.25 12.10
CA THR A 38 2.53 7.23 12.35
C THR A 38 2.46 6.22 11.22
N SER A 39 3.30 6.42 10.21
CA SER A 39 3.26 5.61 9.00
C SER A 39 3.67 4.17 9.30
N ARG A 40 2.71 3.26 9.20
CA ARG A 40 2.92 1.86 9.51
C ARG A 40 2.33 0.96 8.43
N VAL A 41 2.70 -0.30 8.47
CA VAL A 41 2.12 -1.30 7.57
C VAL A 41 1.65 -2.51 8.37
N LEU A 42 0.39 -2.86 8.22
CA LEU A 42 -0.18 -4.02 8.89
C LEU A 42 -0.46 -5.11 7.87
N PHE A 43 0.30 -6.18 7.91
CA PHE A 43 0.20 -7.21 6.90
C PHE A 43 -0.19 -8.56 7.49
N ARG A 44 -0.98 -9.31 6.74
CA ARG A 44 -1.33 -10.66 7.10
C ARG A 44 -1.17 -11.58 5.89
N GLU A 45 -1.66 -12.80 6.00
CA GLU A 45 -1.42 -13.84 4.99
C GLU A 45 -1.87 -13.43 3.58
N GLN A 46 -3.04 -12.81 3.45
CA GLN A 46 -3.59 -12.56 2.11
C GLN A 46 -3.78 -11.08 1.82
N ASP A 47 -3.51 -10.22 2.80
CA ASP A 47 -3.78 -8.80 2.63
C ASP A 47 -2.96 -7.94 3.57
N PHE A 48 -2.94 -6.64 3.28
CA PHE A 48 -2.19 -5.68 4.08
C PHE A 48 -2.87 -4.32 4.10
N THR A 49 -2.72 -3.62 5.21
CA THR A 49 -3.28 -2.30 5.38
C THR A 49 -2.16 -1.28 5.61
N LEU A 50 -2.22 -0.16 4.91
CA LEU A 50 -1.27 0.91 5.11
C LEU A 50 -1.90 2.01 5.94
N ILE A 51 -1.38 2.21 7.15
CA ILE A 51 -1.93 3.20 8.06
C ILE A 51 -0.94 4.33 8.29
N PHE A 52 -1.34 5.54 7.96
CA PHE A 52 -0.47 6.70 8.10
C PHE A 52 -1.28 7.99 8.12
N GLN A 53 -0.60 9.09 8.39
CA GLN A 53 -1.21 10.41 8.35
C GLN A 53 -0.64 11.18 7.18
N THR A 54 -1.38 12.14 6.68
CA THR A 54 -0.96 12.95 5.57
C THR A 54 -1.27 14.41 5.88
N ARG A 55 -0.56 15.34 5.25
CA ARG A 55 -0.99 16.72 5.34
C ARG A 55 -1.61 17.11 4.01
N ASP A 56 -2.91 17.27 4.03
CA ASP A 56 -3.67 17.39 2.84
C ASP A 56 -4.54 18.64 2.84
N GLY A 57 -4.08 19.69 2.17
CA GLY A 57 -4.84 20.93 2.13
C GLY A 57 -6.23 20.74 1.52
N ASN A 58 -6.31 19.85 0.55
CA ASN A 58 -7.57 19.59 -0.16
C ASN A 58 -8.64 19.02 0.77
N PHE A 59 -8.27 17.99 1.53
CA PHE A 59 -9.23 17.34 2.41
C PHE A 59 -9.49 18.16 3.66
N LEU A 60 -8.43 18.72 4.25
CA LEU A 60 -8.58 19.46 5.50
C LEU A 60 -9.43 20.72 5.32
N ARG A 61 -9.38 21.33 4.14
CA ARG A 61 -10.20 22.49 3.87
C ARG A 61 -11.67 22.11 3.85
N LEU A 62 -11.93 20.87 3.46
CA LEU A 62 -13.29 20.34 3.42
C LEU A 62 -13.71 19.84 4.81
N HIS A 63 -12.73 19.56 5.66
CA HIS A 63 -13.01 19.00 6.98
C HIS A 63 -12.11 19.64 8.02
N PRO A 64 -12.60 20.67 8.73
CA PRO A 64 -11.84 21.29 9.80
C PRO A 64 -11.39 20.24 10.82
N GLY A 65 -10.09 20.20 11.08
CA GLY A 65 -9.56 19.20 11.97
C GLY A 65 -8.85 18.07 11.25
N CYS A 66 -9.07 17.95 9.93
CA CYS A 66 -8.40 16.94 9.13
C CYS A 66 -6.90 17.19 9.10
N GLY A 67 -6.13 16.12 8.98
CA GLY A 67 -4.70 16.22 9.01
C GLY A 67 -4.11 15.72 10.32
N PRO A 68 -3.81 16.64 11.26
CA PRO A 68 -3.18 16.29 12.54
C PRO A 68 -4.02 15.35 13.41
N HIS A 69 -5.34 15.33 13.20
CA HIS A 69 -6.20 14.42 13.95
C HIS A 69 -6.66 13.25 13.08
N THR A 70 -6.38 13.31 11.80
CA THR A 70 -6.89 12.32 10.88
C THR A 70 -5.83 11.29 10.49
N THR A 71 -6.04 10.05 10.89
CA THR A 71 -5.20 8.96 10.45
C THR A 71 -5.90 8.19 9.34
N PHE A 72 -5.20 8.02 8.24
CA PHE A 72 -5.77 7.35 7.07
C PHE A 72 -5.21 5.95 6.93
N ARG A 73 -6.04 5.06 6.40
CA ARG A 73 -5.60 3.71 6.13
C ARG A 73 -6.17 3.20 4.81
N TRP A 74 -5.29 2.63 3.99
CA TRP A 74 -5.67 1.99 2.76
C TRP A 74 -5.39 0.50 2.87
N GLN A 75 -6.36 -0.31 2.52
CA GLN A 75 -6.23 -1.74 2.69
C GLN A 75 -6.31 -2.44 1.34
N VAL A 76 -5.37 -3.33 1.08
CA VAL A 76 -5.37 -4.11 -0.14
C VAL A 76 -5.51 -5.60 0.17
N LYS A 77 -6.60 -6.21 -0.28
CA LYS A 77 -6.75 -7.66 -0.20
C LYS A 77 -6.47 -8.31 -1.53
N LEU A 78 -5.73 -9.39 -1.51
CA LEU A 78 -5.49 -10.19 -2.70
C LEU A 78 -6.12 -11.56 -2.55
N ARG A 79 -6.64 -12.10 -3.64
CA ARG A 79 -7.14 -13.47 -3.62
C ARG A 79 -5.99 -14.42 -3.92
N ASN A 80 -5.93 -15.54 -3.20
CA ASN A 80 -4.75 -16.41 -3.15
C ASN A 80 -3.64 -15.69 -2.39
N LEU A 81 -3.37 -16.19 -1.18
CA LEU A 81 -2.41 -15.57 -0.26
C LEU A 81 -1.06 -15.27 -0.90
N ILE A 82 -0.38 -14.28 -0.36
CA ILE A 82 0.91 -13.84 -0.87
C ILE A 82 2.01 -14.09 0.15
N GLU A 83 3.20 -14.44 -0.32
CA GLU A 83 4.27 -14.94 0.58
C GLU A 83 5.09 -13.79 1.15
N PRO A 84 4.77 -13.31 2.37
CA PRO A 84 5.28 -12.03 2.90
C PRO A 84 6.79 -11.87 2.80
N GLU A 85 7.52 -12.95 3.05
CA GLU A 85 8.98 -12.89 3.10
C GLU A 85 9.59 -12.72 1.71
N GLN A 86 8.84 -13.09 0.69
CA GLN A 86 9.33 -13.02 -0.68
C GLN A 86 9.06 -11.65 -1.30
N CYS A 87 8.39 -10.77 -0.56
CA CYS A 87 8.12 -9.42 -1.05
C CYS A 87 9.19 -8.46 -0.62
N THR A 88 9.37 -7.44 -1.41
CA THR A 88 10.34 -6.41 -1.13
C THR A 88 9.75 -5.07 -1.51
N PHE A 89 10.31 -4.01 -0.96
CA PHE A 89 9.79 -2.68 -1.20
C PHE A 89 10.91 -1.75 -1.59
N CYS A 90 10.54 -0.68 -2.24
CA CYS A 90 11.48 0.23 -2.85
C CYS A 90 10.91 1.65 -2.85
N PHE A 91 11.75 2.65 -2.70
CA PHE A 91 11.29 4.01 -2.69
C PHE A 91 11.98 4.85 -3.75
N THR A 92 11.18 5.54 -4.55
CA THR A 92 11.71 6.46 -5.53
C THR A 92 11.48 7.89 -5.09
N ALA A 93 11.81 8.85 -5.94
CA ALA A 93 11.74 10.25 -5.55
C ALA A 93 10.32 10.69 -5.24
N SER A 94 9.38 10.25 -6.07
CA SER A 94 8.00 10.68 -5.94
C SER A 94 7.06 9.50 -5.72
N ARG A 95 7.54 8.30 -6.00
CA ARG A 95 6.68 7.12 -5.96
C ARG A 95 7.21 6.06 -5.01
N ILE A 96 6.34 5.14 -4.66
CA ILE A 96 6.74 3.97 -3.89
C ILE A 96 6.66 2.72 -4.76
N ASP A 97 7.80 2.05 -4.91
CA ASP A 97 7.93 0.83 -5.71
C ASP A 97 7.80 -0.40 -4.83
N ILE A 98 6.90 -1.31 -5.15
CA ILE A 98 6.79 -2.53 -4.35
C ILE A 98 6.69 -3.77 -5.24
N CYS A 99 7.57 -4.73 -5.01
CA CYS A 99 7.53 -6.00 -5.74
C CYS A 99 6.72 -7.05 -4.98
N LEU A 100 5.61 -7.48 -5.58
CA LEU A 100 4.67 -8.41 -4.94
C LEU A 100 4.87 -9.84 -5.44
N ARG A 101 4.89 -10.78 -4.49
CA ARG A 101 5.15 -12.21 -4.75
C ARG A 101 3.89 -13.09 -4.59
N LYS A 102 3.44 -13.69 -5.68
CA LYS A 102 2.26 -14.54 -5.66
C LYS A 102 2.67 -16.00 -5.81
N ARG A 103 3.70 -16.39 -5.04
CA ARG A 103 4.39 -17.67 -5.20
C ARG A 103 3.44 -18.87 -5.29
N GLN A 104 2.33 -18.80 -4.57
CA GLN A 104 1.41 -19.92 -4.44
C GLN A 104 0.53 -20.08 -5.68
N SER A 105 0.65 -19.15 -6.63
CA SER A 105 -0.15 -19.17 -7.86
C SER A 105 -0.08 -20.54 -8.55
N GLN A 106 -1.14 -20.85 -9.29
CA GLN A 106 -1.27 -22.14 -9.94
C GLN A 106 -0.69 -22.09 -11.35
N ARG A 107 -0.09 -23.18 -11.76
CA ARG A 107 0.44 -23.29 -13.11
C ARG A 107 -0.46 -24.20 -13.94
N TRP A 108 -0.88 -23.72 -15.09
CA TRP A 108 -1.93 -24.37 -15.88
C TRP A 108 -1.61 -25.84 -16.17
N GLY A 109 -0.62 -26.07 -17.01
CA GLY A 109 -0.27 -27.42 -17.39
C GLY A 109 1.21 -27.59 -17.65
N GLY A 110 1.58 -27.69 -18.92
CA GLY A 110 2.97 -27.87 -19.29
C GLY A 110 3.24 -29.26 -19.80
N LEU A 111 2.34 -30.20 -19.48
CA LEU A 111 2.50 -31.58 -19.88
C LEU A 111 1.12 -32.19 -20.16
N GLU A 112 0.97 -32.79 -21.34
CA GLU A 112 -0.28 -33.45 -21.69
C GLU A 112 -0.06 -34.94 -21.92
N ALA A 113 -0.87 -35.76 -21.27
CA ALA A 113 -0.73 -37.20 -21.36
C ALA A 113 -1.77 -37.78 -22.33
N PRO A 114 -1.46 -38.93 -22.95
CA PRO A 114 -2.40 -39.63 -23.85
C PRO A 114 -3.58 -40.22 -23.08
N VAL A 1 -1.64 13.32 14.42
CA VAL A 1 -1.63 14.79 14.22
C VAL A 1 -1.00 15.17 12.88
N ASP A 2 -1.87 15.48 11.92
CA ASP A 2 -1.50 15.93 10.58
C ASP A 2 -2.80 16.07 9.81
N GLU A 3 -2.99 17.19 9.11
CA GLU A 3 -4.34 17.57 8.64
C GLU A 3 -4.60 17.27 7.16
N PRO A 4 -5.32 16.17 6.88
CA PRO A 4 -5.88 15.88 5.58
C PRO A 4 -7.40 16.07 5.48
N GLU A 5 -8.15 14.97 5.72
CA GLU A 5 -9.60 14.92 5.44
C GLU A 5 -10.31 14.08 6.52
N SER A 6 -9.84 14.23 7.78
CA SER A 6 -10.39 13.47 8.90
C SER A 6 -10.01 12.00 8.77
N MET A 7 -10.54 11.18 9.66
CA MET A 7 -10.19 9.79 9.74
C MET A 7 -10.79 9.03 8.57
N VAL A 8 -9.93 8.63 7.64
CA VAL A 8 -10.37 8.16 6.35
C VAL A 8 -9.91 6.77 5.98
N ASN A 9 -10.83 6.01 5.43
CA ASN A 9 -10.54 4.75 4.79
C ASN A 9 -10.46 5.01 3.29
N LEU A 10 -9.31 4.76 2.69
CA LEU A 10 -9.11 5.17 1.31
C LEU A 10 -9.65 4.13 0.34
N ALA A 11 -10.49 4.60 -0.56
CA ALA A 11 -11.11 3.76 -1.56
C ALA A 11 -10.27 3.71 -2.82
N PHE A 12 -9.65 4.83 -3.15
CA PHE A 12 -8.98 5.00 -4.41
C PHE A 12 -7.68 5.77 -4.25
N VAL A 13 -6.60 5.23 -4.80
CA VAL A 13 -5.30 5.89 -4.72
C VAL A 13 -4.59 5.77 -6.06
N LYS A 14 -3.76 6.76 -6.37
CA LYS A 14 -2.96 6.74 -7.57
C LYS A 14 -2.02 5.56 -7.54
N ASN A 15 -2.27 4.55 -8.36
CA ASN A 15 -1.36 3.43 -8.42
C ASN A 15 -1.49 2.68 -9.73
N ASP A 16 -0.44 2.00 -10.11
CA ASP A 16 -0.46 1.08 -11.24
C ASP A 16 0.38 -0.14 -10.91
N SER A 17 -0.10 -1.31 -11.29
CA SER A 17 0.55 -2.55 -10.93
C SER A 17 1.22 -3.18 -12.13
N TYR A 18 2.34 -3.86 -11.90
CA TYR A 18 3.04 -4.58 -12.95
C TYR A 18 3.31 -6.00 -12.51
N GLU A 19 3.07 -6.93 -13.40
CA GLU A 19 3.45 -8.31 -13.15
C GLU A 19 4.70 -8.64 -13.94
N LYS A 20 5.82 -8.63 -13.24
CA LYS A 20 7.10 -8.88 -13.88
C LYS A 20 7.61 -10.25 -13.48
N GLY A 21 7.76 -11.11 -14.47
CA GLY A 21 8.08 -12.50 -14.19
C GLY A 21 6.83 -13.26 -13.80
N PRO A 22 6.88 -14.60 -13.85
CA PRO A 22 5.72 -15.44 -13.51
C PRO A 22 5.37 -15.41 -12.02
N ASP A 23 6.31 -14.93 -11.21
CA ASP A 23 6.17 -15.03 -9.76
C ASP A 23 5.86 -13.66 -9.17
N SER A 24 6.39 -12.64 -9.80
CA SER A 24 6.51 -11.36 -9.16
C SER A 24 5.59 -10.31 -9.76
N VAL A 25 5.13 -9.43 -8.89
CA VAL A 25 4.29 -8.34 -9.26
C VAL A 25 4.61 -7.11 -8.41
N VAL A 26 5.12 -6.08 -9.04
CA VAL A 26 5.55 -4.89 -8.34
C VAL A 26 4.63 -3.72 -8.68
N VAL A 27 4.05 -3.14 -7.66
CA VAL A 27 3.07 -2.10 -7.84
C VAL A 27 3.61 -0.77 -7.35
N HIS A 28 3.21 0.30 -8.01
CA HIS A 28 3.70 1.62 -7.65
C HIS A 28 2.52 2.48 -7.23
N VAL A 29 2.48 2.86 -5.97
CA VAL A 29 1.45 3.74 -5.48
C VAL A 29 1.99 5.17 -5.44
N TYR A 30 1.22 6.10 -5.95
CA TYR A 30 1.68 7.46 -6.05
C TYR A 30 1.13 8.25 -4.88
N VAL A 31 1.96 8.44 -3.87
CA VAL A 31 1.53 9.12 -2.66
C VAL A 31 2.54 10.18 -2.28
N LYS A 32 2.05 11.40 -2.11
CA LYS A 32 2.88 12.50 -1.72
C LYS A 32 2.36 13.11 -0.42
N GLU A 33 3.17 13.96 0.20
CA GLU A 33 2.83 14.57 1.49
C GLU A 33 2.44 13.51 2.52
N ILE A 34 3.30 12.51 2.64
CA ILE A 34 3.07 11.41 3.59
C ILE A 34 3.65 11.76 4.95
N CYS A 35 2.89 11.48 6.00
CA CYS A 35 3.39 11.58 7.35
C CYS A 35 4.18 10.33 7.69
N ARG A 36 5.48 10.38 7.43
CA ARG A 36 6.38 9.26 7.66
C ARG A 36 6.44 8.87 9.13
N ASP A 37 6.06 9.80 9.99
CA ASP A 37 6.06 9.56 11.43
C ASP A 37 5.09 8.46 11.80
N THR A 38 4.01 8.34 11.03
CA THR A 38 2.91 7.49 11.40
C THR A 38 2.62 6.45 10.33
N SER A 39 3.38 6.51 9.24
CA SER A 39 3.20 5.60 8.14
C SER A 39 3.67 4.19 8.52
N ARG A 40 2.73 3.26 8.56
CA ARG A 40 2.96 1.91 9.05
C ARG A 40 2.32 0.88 8.13
N VAL A 41 2.83 -0.34 8.13
CA VAL A 41 2.34 -1.41 7.28
C VAL A 41 1.81 -2.59 8.10
N LEU A 42 0.62 -3.05 7.76
CA LEU A 42 0.06 -4.26 8.35
C LEU A 42 -0.31 -5.23 7.24
N PHE A 43 0.38 -6.36 7.16
CA PHE A 43 0.20 -7.28 6.04
C PHE A 43 -0.09 -8.70 6.50
N ARG A 44 -0.81 -9.43 5.67
CA ARG A 44 -1.06 -10.85 5.90
C ARG A 44 -0.90 -11.62 4.59
N GLU A 45 -1.32 -12.88 4.59
CA GLU A 45 -1.10 -13.83 3.49
C GLU A 45 -1.18 -13.21 2.09
N GLN A 46 -2.35 -12.77 1.66
CA GLN A 46 -2.50 -12.22 0.32
C GLN A 46 -3.04 -10.79 0.33
N ASP A 47 -3.09 -10.16 1.49
CA ASP A 47 -3.63 -8.81 1.57
C ASP A 47 -2.97 -7.98 2.65
N PHE A 48 -3.08 -6.67 2.52
CA PHE A 48 -2.45 -5.77 3.48
C PHE A 48 -3.23 -4.48 3.68
N THR A 49 -3.02 -3.87 4.83
CA THR A 49 -3.56 -2.57 5.15
C THR A 49 -2.42 -1.58 5.42
N LEU A 50 -2.46 -0.47 4.73
CA LEU A 50 -1.46 0.57 4.86
C LEU A 50 -2.03 1.72 5.67
N ILE A 51 -1.48 1.96 6.84
CA ILE A 51 -2.00 2.99 7.72
C ILE A 51 -1.00 4.14 7.85
N PHE A 52 -1.46 5.34 7.50
CA PHE A 52 -0.58 6.52 7.50
C PHE A 52 -1.40 7.80 7.62
N GLN A 53 -0.71 8.91 7.76
CA GLN A 53 -1.33 10.22 7.71
C GLN A 53 -0.77 10.99 6.54
N THR A 54 -1.54 11.94 6.02
CA THR A 54 -1.12 12.74 4.88
C THR A 54 -1.66 14.15 5.05
N ARG A 55 -1.03 15.13 4.44
CA ARG A 55 -1.49 16.51 4.54
C ARG A 55 -1.79 17.09 3.16
N ASP A 56 -3.05 17.43 2.93
CA ASP A 56 -3.44 18.07 1.68
C ASP A 56 -4.20 19.35 1.98
N GLY A 57 -3.63 20.45 1.52
CA GLY A 57 -4.12 21.78 1.85
C GLY A 57 -5.58 22.00 1.52
N ASN A 58 -6.05 21.45 0.41
CA ASN A 58 -7.43 21.71 -0.01
C ASN A 58 -8.43 21.07 0.96
N PHE A 59 -8.12 19.84 1.40
CA PHE A 59 -8.99 19.11 2.30
C PHE A 59 -8.91 19.70 3.70
N LEU A 60 -7.70 19.93 4.17
CA LEU A 60 -7.51 20.45 5.52
C LEU A 60 -8.16 21.82 5.67
N ARG A 61 -8.18 22.56 4.57
CA ARG A 61 -8.80 23.88 4.53
C ARG A 61 -10.29 23.78 4.82
N LEU A 62 -10.89 22.67 4.38
CA LEU A 62 -12.31 22.44 4.56
C LEU A 62 -12.63 21.94 5.97
N HIS A 63 -11.65 21.39 6.66
CA HIS A 63 -11.92 20.76 7.96
C HIS A 63 -10.93 21.20 9.01
N PRO A 64 -11.21 22.28 9.74
CA PRO A 64 -10.41 22.65 10.90
C PRO A 64 -10.55 21.61 12.00
N GLY A 65 -9.44 21.11 12.49
CA GLY A 65 -9.49 20.13 13.55
C GLY A 65 -9.20 18.72 13.07
N CYS A 66 -9.16 18.51 11.77
CA CYS A 66 -8.74 17.22 11.22
C CYS A 66 -7.24 17.07 11.45
N GLY A 67 -6.82 15.86 11.78
CA GLY A 67 -5.42 15.66 12.10
C GLY A 67 -5.22 14.82 13.35
N PRO A 68 -5.55 15.37 14.54
CA PRO A 68 -5.36 14.66 15.81
C PRO A 68 -6.13 13.35 15.90
N HIS A 69 -7.21 13.25 15.14
CA HIS A 69 -8.01 12.03 15.13
C HIS A 69 -8.03 11.41 13.73
N THR A 70 -7.32 12.03 12.80
CA THR A 70 -7.19 11.48 11.47
C THR A 70 -6.13 10.39 11.39
N THR A 71 -6.54 9.23 10.92
CA THR A 71 -5.61 8.29 10.36
C THR A 71 -6.17 7.76 9.04
N PHE A 72 -5.34 7.77 8.01
CA PHE A 72 -5.72 7.23 6.71
C PHE A 72 -5.30 5.78 6.63
N ARG A 73 -6.13 4.99 6.00
CA ARG A 73 -5.87 3.56 5.87
C ARG A 73 -6.27 3.06 4.49
N TRP A 74 -5.38 2.32 3.88
CA TRP A 74 -5.65 1.70 2.60
C TRP A 74 -5.57 0.19 2.76
N GLN A 75 -6.56 -0.51 2.27
CA GLN A 75 -6.62 -1.94 2.42
C GLN A 75 -6.71 -2.57 1.04
N VAL A 76 -5.76 -3.41 0.71
CA VAL A 76 -5.84 -4.13 -0.53
C VAL A 76 -5.75 -5.63 -0.32
N LYS A 77 -6.59 -6.35 -1.05
CA LYS A 77 -6.50 -7.80 -1.11
C LYS A 77 -6.01 -8.20 -2.49
N LEU A 78 -4.81 -8.75 -2.52
CA LEU A 78 -4.19 -9.19 -3.77
C LEU A 78 -4.69 -10.56 -4.14
N ARG A 79 -4.71 -10.85 -5.43
CA ARG A 79 -5.11 -12.16 -5.89
C ARG A 79 -3.91 -13.08 -5.87
N ASN A 80 -4.09 -14.22 -5.18
CA ASN A 80 -3.05 -15.23 -5.01
C ASN A 80 -2.02 -14.79 -3.97
N LEU A 81 -2.00 -15.52 -2.86
CA LEU A 81 -1.10 -15.25 -1.73
C LEU A 81 0.35 -15.06 -2.17
N ILE A 82 1.06 -14.22 -1.43
CA ILE A 82 2.46 -13.94 -1.71
C ILE A 82 3.33 -14.45 -0.57
N GLU A 83 4.63 -14.44 -0.79
CA GLU A 83 5.59 -14.87 0.23
C GLU A 83 6.22 -13.62 0.85
N PRO A 84 5.60 -13.06 1.90
CA PRO A 84 5.97 -11.76 2.46
C PRO A 84 7.44 -11.66 2.81
N GLU A 85 8.01 -12.76 3.29
CA GLU A 85 9.40 -12.78 3.71
C GLU A 85 10.34 -12.57 2.52
N GLN A 86 9.88 -12.94 1.34
CA GLN A 86 10.69 -12.76 0.14
C GLN A 86 10.44 -11.39 -0.47
N CYS A 87 9.28 -10.82 -0.17
CA CYS A 87 8.85 -9.61 -0.80
C CYS A 87 9.41 -8.41 -0.05
N THR A 88 9.56 -7.31 -0.77
CA THR A 88 10.19 -6.13 -0.22
C THR A 88 9.48 -4.89 -0.74
N PHE A 89 9.85 -3.73 -0.23
CA PHE A 89 9.29 -2.49 -0.69
C PHE A 89 10.40 -1.55 -1.11
N CYS A 90 10.06 -0.62 -1.97
CA CYS A 90 11.02 0.18 -2.68
C CYS A 90 10.57 1.64 -2.70
N PHE A 91 11.51 2.55 -2.64
CA PHE A 91 11.18 3.97 -2.60
C PHE A 91 11.79 4.70 -3.79
N THR A 92 10.95 5.21 -4.66
CA THR A 92 11.39 6.12 -5.70
C THR A 92 11.47 7.54 -5.15
N ALA A 93 11.76 8.50 -6.00
CA ALA A 93 12.03 9.86 -5.54
C ALA A 93 10.81 10.47 -4.85
N SER A 94 9.64 10.27 -5.45
CA SER A 94 8.42 10.83 -4.91
C SER A 94 7.37 9.77 -4.63
N ARG A 95 7.56 8.59 -5.19
CA ARG A 95 6.52 7.56 -5.16
C ARG A 95 6.95 6.32 -4.40
N ILE A 96 5.98 5.49 -4.09
CA ILE A 96 6.24 4.25 -3.36
C ILE A 96 6.13 3.04 -4.29
N ASP A 97 7.19 2.25 -4.33
CA ASP A 97 7.23 1.02 -5.12
C ASP A 97 7.17 -0.19 -4.21
N ILE A 98 6.40 -1.21 -4.57
CA ILE A 98 6.37 -2.42 -3.76
C ILE A 98 6.49 -3.68 -4.61
N CYS A 99 7.42 -4.56 -4.27
CA CYS A 99 7.60 -5.80 -5.01
C CYS A 99 6.99 -6.99 -4.26
N LEU A 100 5.88 -7.49 -4.81
CA LEU A 100 5.18 -8.65 -4.26
C LEU A 100 5.52 -9.89 -5.07
N ARG A 101 5.83 -10.98 -4.40
CA ARG A 101 6.25 -12.20 -5.08
C ARG A 101 5.40 -13.38 -4.63
N LYS A 102 4.72 -14.01 -5.57
CA LYS A 102 3.85 -15.13 -5.25
C LYS A 102 4.44 -16.44 -5.77
N ARG A 103 5.24 -17.07 -4.93
CA ARG A 103 6.00 -18.26 -5.31
C ARG A 103 5.09 -19.42 -5.70
N GLN A 104 3.96 -19.53 -5.03
CA GLN A 104 3.03 -20.60 -5.31
C GLN A 104 2.06 -20.18 -6.42
N SER A 105 2.16 -18.91 -6.80
CA SER A 105 1.31 -18.28 -7.81
C SER A 105 -0.16 -18.68 -7.67
N GLN A 106 -0.65 -19.49 -8.59
CA GLN A 106 -2.02 -19.93 -8.59
C GLN A 106 -2.12 -21.42 -8.35
N ARG A 107 -3.13 -21.82 -7.62
CA ARG A 107 -3.42 -23.23 -7.41
C ARG A 107 -4.24 -23.73 -8.58
N TRP A 108 -3.65 -24.61 -9.39
CA TRP A 108 -4.26 -25.04 -10.64
C TRP A 108 -4.44 -23.84 -11.57
N GLY A 109 -3.37 -23.49 -12.27
CA GLY A 109 -3.37 -22.32 -13.12
C GLY A 109 -2.02 -21.64 -13.06
N GLY A 110 -1.33 -21.84 -11.96
CA GLY A 110 0.02 -21.34 -11.82
C GLY A 110 1.02 -22.47 -11.88
N LEU A 111 1.78 -22.53 -12.96
CA LEU A 111 2.70 -23.63 -13.18
C LEU A 111 3.77 -23.24 -14.18
N GLU A 112 4.99 -23.69 -13.96
CA GLU A 112 6.06 -23.56 -14.93
C GLU A 112 6.51 -24.94 -15.38
N ALA A 113 6.58 -25.14 -16.68
CA ALA A 113 7.09 -26.40 -17.18
C ALA A 113 8.56 -26.23 -17.56
N PRO A 114 9.42 -27.08 -17.00
CA PRO A 114 10.84 -27.10 -17.33
C PRO A 114 11.10 -27.80 -18.66
N VAL A 1 -7.69 14.97 18.18
CA VAL A 1 -6.64 15.83 17.57
C VAL A 1 -5.28 15.16 17.72
N ASP A 2 -4.68 15.33 18.88
CA ASP A 2 -3.40 14.69 19.17
C ASP A 2 -3.60 13.18 19.22
N GLU A 3 -4.75 12.78 19.73
CA GLU A 3 -5.26 11.45 19.48
C GLU A 3 -6.27 11.57 18.36
N PRO A 4 -6.03 10.92 17.22
CA PRO A 4 -6.80 11.18 16.00
C PRO A 4 -8.29 11.01 16.21
N GLU A 5 -8.67 9.81 16.65
CA GLU A 5 -10.07 9.44 16.81
C GLU A 5 -10.87 9.76 15.55
N SER A 6 -10.17 9.72 14.44
CA SER A 6 -10.76 9.97 13.14
C SER A 6 -9.99 9.20 12.07
N MET A 7 -10.52 8.06 11.72
CA MET A 7 -9.88 7.19 10.74
C MET A 7 -10.82 6.93 9.57
N VAL A 8 -10.39 7.35 8.40
CA VAL A 8 -11.22 7.27 7.22
C VAL A 8 -10.73 6.18 6.28
N ASN A 9 -11.68 5.42 5.77
CA ASN A 9 -11.38 4.38 4.81
C ASN A 9 -11.46 4.95 3.40
N LEU A 10 -10.36 4.89 2.68
CA LEU A 10 -10.28 5.50 1.37
C LEU A 10 -10.68 4.51 0.29
N ALA A 11 -11.39 5.00 -0.72
CA ALA A 11 -11.82 4.17 -1.84
C ALA A 11 -11.32 4.75 -3.15
N PHE A 12 -10.67 5.91 -3.07
CA PHE A 12 -10.12 6.56 -4.24
C PHE A 12 -8.61 6.38 -4.24
N VAL A 13 -8.06 5.93 -5.36
CA VAL A 13 -6.67 5.47 -5.38
C VAL A 13 -5.86 6.13 -6.50
N LYS A 14 -4.56 6.33 -6.24
CA LYS A 14 -3.64 6.84 -7.25
C LYS A 14 -2.47 5.87 -7.40
N ASN A 15 -2.73 4.58 -7.31
CA ASN A 15 -1.65 3.61 -7.35
C ASN A 15 -1.74 2.78 -8.60
N ASP A 16 -0.62 2.22 -9.03
CA ASP A 16 -0.60 1.38 -10.22
C ASP A 16 0.16 0.11 -9.93
N SER A 17 -0.36 -1.01 -10.39
CA SER A 17 0.32 -2.27 -10.20
C SER A 17 0.82 -2.80 -11.54
N TYR A 18 1.98 -3.44 -11.51
CA TYR A 18 2.59 -3.98 -12.71
C TYR A 18 3.16 -5.35 -12.43
N GLU A 19 2.96 -6.28 -13.33
CA GLU A 19 3.50 -7.61 -13.13
C GLU A 19 4.85 -7.73 -13.82
N LYS A 20 5.89 -7.64 -13.01
CA LYS A 20 7.25 -7.68 -13.52
C LYS A 20 7.94 -8.94 -13.02
N GLY A 21 8.36 -9.76 -13.95
CA GLY A 21 8.81 -11.10 -13.62
C GLY A 21 7.75 -12.10 -14.01
N PRO A 22 8.02 -13.41 -13.93
CA PRO A 22 7.06 -14.42 -14.34
C PRO A 22 5.85 -14.51 -13.41
N ASP A 23 6.09 -14.48 -12.11
CA ASP A 23 5.01 -14.56 -11.13
C ASP A 23 5.07 -13.38 -10.17
N SER A 24 5.93 -12.42 -10.47
CA SER A 24 6.16 -11.31 -9.56
C SER A 24 5.44 -10.06 -10.04
N VAL A 25 5.08 -9.20 -9.09
CA VAL A 25 4.32 -8.01 -9.38
C VAL A 25 4.77 -6.87 -8.47
N VAL A 26 5.12 -5.75 -9.07
CA VAL A 26 5.56 -4.58 -8.33
C VAL A 26 4.54 -3.46 -8.47
N VAL A 27 4.16 -2.89 -7.34
CA VAL A 27 3.16 -1.86 -7.31
C VAL A 27 3.71 -0.59 -6.68
N HIS A 28 3.25 0.55 -7.16
CA HIS A 28 3.66 1.81 -6.57
C HIS A 28 2.44 2.57 -6.06
N VAL A 29 2.46 2.87 -4.78
CA VAL A 29 1.35 3.53 -4.13
C VAL A 29 1.60 5.02 -4.01
N TYR A 30 0.51 5.78 -4.00
CA TYR A 30 0.57 7.23 -3.87
C TYR A 30 1.02 7.62 -2.45
N VAL A 31 2.28 7.99 -2.32
CA VAL A 31 2.74 8.51 -1.06
C VAL A 31 3.29 9.93 -1.22
N LYS A 32 2.59 10.85 -0.61
CA LYS A 32 2.99 12.24 -0.56
C LYS A 32 2.48 12.86 0.73
N GLU A 33 3.27 13.80 1.26
CA GLU A 33 2.87 14.57 2.45
C GLU A 33 2.39 13.65 3.56
N ILE A 34 3.01 12.49 3.66
CA ILE A 34 2.61 11.47 4.62
C ILE A 34 3.28 11.68 5.97
N CYS A 35 2.48 11.60 7.02
CA CYS A 35 2.97 11.61 8.37
C CYS A 35 3.65 10.28 8.66
N ARG A 36 4.96 10.26 8.44
CA ARG A 36 5.76 9.05 8.56
C ARG A 36 5.74 8.50 9.98
N ASP A 37 5.40 9.35 10.94
CA ASP A 37 5.24 8.93 12.34
C ASP A 37 4.15 7.88 12.47
N THR A 38 3.15 7.99 11.61
CA THR A 38 1.92 7.24 11.77
C THR A 38 1.69 6.32 10.59
N SER A 39 2.67 6.23 9.74
CA SER A 39 2.59 5.39 8.55
C SER A 39 2.95 3.94 8.90
N ARG A 40 1.94 3.10 8.94
CA ARG A 40 2.09 1.71 9.35
C ARG A 40 1.49 0.78 8.31
N VAL A 41 2.09 -0.40 8.17
CA VAL A 41 1.53 -1.42 7.30
C VAL A 41 1.15 -2.66 8.10
N LEU A 42 -0.11 -3.06 7.98
CA LEU A 42 -0.59 -4.26 8.65
C LEU A 42 -0.76 -5.36 7.60
N PHE A 43 0.09 -6.37 7.66
CA PHE A 43 0.13 -7.35 6.58
C PHE A 43 -0.14 -8.76 7.09
N ARG A 44 -0.68 -9.59 6.21
CA ARG A 44 -0.92 -11.00 6.50
C ARG A 44 -0.56 -11.83 5.28
N GLU A 45 -0.94 -13.11 5.32
CA GLU A 45 -0.63 -14.10 4.28
C GLU A 45 -0.71 -13.55 2.84
N GLN A 46 -1.86 -13.06 2.42
CA GLN A 46 -2.04 -12.65 1.03
C GLN A 46 -2.48 -11.19 0.88
N ASP A 47 -2.53 -10.45 1.97
CA ASP A 47 -3.05 -9.09 1.90
C ASP A 47 -2.48 -8.20 2.99
N PHE A 48 -2.62 -6.90 2.77
CA PHE A 48 -2.07 -5.91 3.67
C PHE A 48 -2.95 -4.65 3.72
N THR A 49 -2.93 -4.00 4.87
CA THR A 49 -3.65 -2.75 5.05
C THR A 49 -2.66 -1.63 5.33
N LEU A 50 -2.72 -0.59 4.52
CA LEU A 50 -1.85 0.56 4.66
C LEU A 50 -2.56 1.64 5.46
N ILE A 51 -2.04 1.95 6.64
CA ILE A 51 -2.64 2.97 7.48
C ILE A 51 -1.64 4.08 7.75
N PHE A 52 -2.00 5.29 7.33
CA PHE A 52 -1.12 6.45 7.48
C PHE A 52 -1.93 7.74 7.46
N GLN A 53 -1.24 8.84 7.74
CA GLN A 53 -1.86 10.15 7.71
C GLN A 53 -1.14 11.02 6.70
N THR A 54 -1.83 12.01 6.17
CA THR A 54 -1.25 12.90 5.18
C THR A 54 -1.75 14.32 5.40
N ARG A 55 -1.23 15.26 4.63
CA ARG A 55 -1.72 16.62 4.70
C ARG A 55 -2.05 17.12 3.30
N ASP A 56 -3.32 17.41 3.08
CA ASP A 56 -3.78 17.90 1.80
C ASP A 56 -4.43 19.26 1.97
N GLY A 57 -3.77 20.28 1.42
CA GLY A 57 -4.16 21.66 1.63
C GLY A 57 -5.61 21.95 1.28
N ASN A 58 -6.07 21.36 0.18
CA ASN A 58 -7.44 21.59 -0.29
C ASN A 58 -8.44 21.03 0.70
N PHE A 59 -8.21 19.81 1.13
CA PHE A 59 -9.10 19.13 2.06
C PHE A 59 -8.99 19.70 3.47
N LEU A 60 -7.76 19.87 3.93
CA LEU A 60 -7.54 20.29 5.32
C LEU A 60 -8.05 21.71 5.58
N ARG A 61 -7.99 22.57 4.56
CA ARG A 61 -8.46 23.93 4.70
C ARG A 61 -9.97 23.94 4.94
N LEU A 62 -10.65 22.93 4.39
CA LEU A 62 -12.09 22.82 4.53
C LEU A 62 -12.48 22.27 5.90
N HIS A 63 -11.55 21.56 6.55
CA HIS A 63 -11.86 20.90 7.82
C HIS A 63 -10.80 21.22 8.86
N PRO A 64 -11.12 22.10 9.83
CA PRO A 64 -10.19 22.43 10.91
C PRO A 64 -9.78 21.18 11.69
N GLY A 65 -8.48 20.97 11.82
CA GLY A 65 -7.98 19.83 12.53
C GLY A 65 -7.67 18.66 11.62
N CYS A 66 -8.26 18.66 10.42
CA CYS A 66 -8.08 17.57 9.48
C CYS A 66 -6.66 17.61 8.92
N GLY A 67 -6.18 16.44 8.51
CA GLY A 67 -4.85 16.34 7.96
C GLY A 67 -3.96 15.49 8.84
N PRO A 68 -3.03 16.11 9.59
CA PRO A 68 -2.08 15.40 10.45
C PRO A 68 -2.76 14.65 11.60
N HIS A 69 -4.02 14.96 11.84
CA HIS A 69 -4.78 14.26 12.88
C HIS A 69 -5.81 13.31 12.28
N THR A 70 -5.88 13.29 10.96
CA THR A 70 -6.80 12.42 10.27
C THR A 70 -6.08 11.19 9.71
N THR A 71 -6.41 10.03 10.22
CA THR A 71 -5.78 8.80 9.76
C THR A 71 -6.58 8.15 8.64
N PHE A 72 -5.91 7.82 7.56
CA PHE A 72 -6.53 7.11 6.46
C PHE A 72 -5.99 5.71 6.35
N ARG A 73 -6.81 4.79 5.88
CA ARG A 73 -6.40 3.41 5.76
C ARG A 73 -6.91 2.79 4.47
N TRP A 74 -6.01 2.14 3.76
CA TRP A 74 -6.33 1.48 2.50
C TRP A 74 -5.93 0.02 2.59
N GLN A 75 -6.83 -0.88 2.21
CA GLN A 75 -6.54 -2.29 2.33
C GLN A 75 -6.48 -2.94 0.95
N VAL A 76 -5.46 -3.76 0.74
CA VAL A 76 -5.29 -4.50 -0.51
C VAL A 76 -5.28 -6.00 -0.26
N LYS A 77 -6.26 -6.71 -0.82
CA LYS A 77 -6.27 -8.17 -0.79
C LYS A 77 -5.92 -8.75 -2.15
N LEU A 78 -4.80 -9.47 -2.21
CA LEU A 78 -4.37 -10.13 -3.44
C LEU A 78 -4.67 -11.62 -3.34
N ARG A 79 -5.42 -12.15 -4.30
CA ARG A 79 -5.80 -13.54 -4.24
C ARG A 79 -4.73 -14.39 -4.91
N ASN A 80 -4.12 -15.28 -4.12
CA ASN A 80 -3.05 -16.17 -4.58
C ASN A 80 -2.20 -16.61 -3.40
N LEU A 81 -2.12 -15.72 -2.38
CA LEU A 81 -1.12 -15.82 -1.30
C LEU A 81 0.22 -15.32 -1.78
N ILE A 82 0.88 -14.46 -1.00
CA ILE A 82 2.15 -13.89 -1.40
C ILE A 82 3.27 -14.34 -0.48
N GLU A 83 4.49 -14.18 -0.95
CA GLU A 83 5.66 -14.54 -0.17
C GLU A 83 6.44 -13.30 0.27
N PRO A 84 6.10 -12.74 1.44
CA PRO A 84 6.78 -11.57 1.98
C PRO A 84 8.25 -11.86 2.26
N GLU A 85 8.53 -13.12 2.56
CA GLU A 85 9.88 -13.57 2.87
C GLU A 85 10.80 -13.42 1.65
N GLN A 86 10.21 -13.51 0.47
CA GLN A 86 10.98 -13.39 -0.77
C GLN A 86 10.79 -11.98 -1.33
N CYS A 87 9.86 -11.25 -0.75
CA CYS A 87 9.46 -9.94 -1.26
C CYS A 87 10.34 -8.84 -0.70
N THR A 88 10.41 -7.75 -1.46
CA THR A 88 11.27 -6.64 -1.13
C THR A 88 10.54 -5.32 -1.37
N PHE A 89 11.16 -4.21 -0.99
CA PHE A 89 10.53 -2.90 -1.12
C PHE A 89 11.43 -1.97 -1.91
N CYS A 90 10.85 -0.89 -2.38
CA CYS A 90 11.53 0.05 -3.26
C CYS A 90 11.03 1.48 -3.01
N PHE A 91 11.95 2.44 -2.94
CA PHE A 91 11.58 3.81 -2.65
C PHE A 91 12.08 4.76 -3.73
N THR A 92 11.16 5.41 -4.43
CA THR A 92 11.51 6.46 -5.36
C THR A 92 11.32 7.84 -4.71
N ALA A 93 11.52 8.90 -5.48
CA ALA A 93 11.48 10.25 -4.94
C ALA A 93 10.08 10.66 -4.50
N SER A 94 9.10 10.32 -5.32
CA SER A 94 7.73 10.76 -5.08
C SER A 94 6.79 9.59 -4.89
N ARG A 95 7.25 8.41 -5.24
CA ARG A 95 6.41 7.22 -5.16
C ARG A 95 6.98 6.22 -4.17
N ILE A 96 6.15 5.28 -3.77
CA ILE A 96 6.61 4.14 -2.98
C ILE A 96 6.33 2.85 -3.74
N ASP A 97 7.38 2.10 -4.03
CA ASP A 97 7.28 0.90 -4.85
C ASP A 97 7.45 -0.35 -3.99
N ILE A 98 6.69 -1.38 -4.30
CA ILE A 98 6.83 -2.65 -3.60
C ILE A 98 6.89 -3.80 -4.60
N CYS A 99 7.87 -4.67 -4.48
CA CYS A 99 7.99 -5.80 -5.37
C CYS A 99 7.56 -7.08 -4.65
N LEU A 100 6.38 -7.58 -5.02
CA LEU A 100 5.81 -8.75 -4.35
C LEU A 100 5.71 -9.92 -5.32
N ARG A 101 6.14 -11.08 -4.87
CA ARG A 101 5.97 -12.30 -5.66
C ARG A 101 4.91 -13.18 -5.01
N LYS A 102 4.11 -13.82 -5.83
CA LYS A 102 3.05 -14.69 -5.36
C LYS A 102 3.62 -16.06 -5.02
N ARG A 103 2.82 -16.91 -4.39
CA ARG A 103 3.30 -18.22 -4.00
C ARG A 103 3.61 -19.09 -5.22
N GLN A 104 2.98 -18.79 -6.35
CA GLN A 104 3.14 -19.58 -7.56
C GLN A 104 4.51 -19.38 -8.19
N SER A 105 5.28 -18.43 -7.68
CA SER A 105 6.62 -18.15 -8.19
C SER A 105 7.46 -19.43 -8.24
N GLN A 106 7.79 -19.86 -9.46
CA GLN A 106 8.49 -21.11 -9.66
C GLN A 106 9.99 -20.90 -9.76
N ARG A 107 10.75 -21.84 -9.23
CA ARG A 107 12.19 -21.79 -9.29
C ARG A 107 12.68 -22.13 -10.68
N TRP A 108 13.27 -21.14 -11.36
CA TRP A 108 13.72 -21.29 -12.74
C TRP A 108 12.53 -21.65 -13.64
N GLY A 109 11.34 -21.27 -13.20
CA GLY A 109 10.13 -21.61 -13.92
C GLY A 109 9.37 -20.39 -14.35
N GLY A 110 8.17 -20.60 -14.86
CA GLY A 110 7.37 -19.51 -15.36
C GLY A 110 7.53 -19.35 -16.86
N LEU A 111 7.90 -20.44 -17.52
CA LEU A 111 8.13 -20.42 -18.96
C LEU A 111 7.16 -21.38 -19.65
N GLU A 112 6.09 -20.82 -20.20
CA GLU A 112 5.10 -21.61 -20.90
C GLU A 112 5.14 -21.32 -22.39
N ALA A 113 5.26 -22.38 -23.19
CA ALA A 113 5.26 -22.24 -24.64
C ALA A 113 3.88 -22.61 -25.21
N PRO A 114 3.31 -21.72 -26.03
CA PRO A 114 2.02 -21.96 -26.66
C PRO A 114 2.15 -22.68 -28.00
N VAL A 1 -3.65 18.29 17.88
CA VAL A 1 -3.84 16.91 17.41
C VAL A 1 -5.28 16.46 17.63
N ASP A 2 -5.61 16.37 18.90
CA ASP A 2 -6.94 16.00 19.40
C ASP A 2 -7.69 15.03 18.48
N GLU A 3 -7.35 13.76 18.61
CA GLU A 3 -7.90 12.70 17.77
C GLU A 3 -9.41 12.55 17.96
N PRO A 4 -10.19 12.76 16.89
CA PRO A 4 -11.64 12.53 16.91
C PRO A 4 -11.98 11.04 16.81
N GLU A 5 -10.94 10.24 16.59
CA GLU A 5 -11.06 8.79 16.44
C GLU A 5 -11.86 8.44 15.19
N SER A 6 -11.67 9.25 14.16
CA SER A 6 -12.36 9.03 12.91
C SER A 6 -11.35 8.78 11.80
N MET A 7 -10.87 7.55 11.73
CA MET A 7 -9.93 7.14 10.71
C MET A 7 -10.64 6.98 9.38
N VAL A 8 -10.08 7.55 8.32
CA VAL A 8 -10.72 7.54 7.02
C VAL A 8 -10.26 6.35 6.19
N ASN A 9 -11.23 5.69 5.58
CA ASN A 9 -11.00 4.54 4.77
C ASN A 9 -11.02 4.97 3.32
N LEU A 10 -9.94 4.78 2.63
CA LEU A 10 -9.80 5.23 1.27
C LEU A 10 -10.36 4.21 0.30
N ALA A 11 -11.24 4.68 -0.57
CA ALA A 11 -11.83 3.84 -1.60
C ALA A 11 -10.85 3.69 -2.75
N PHE A 12 -10.16 4.77 -3.07
CA PHE A 12 -9.18 4.77 -4.13
C PHE A 12 -8.01 5.67 -3.78
N VAL A 13 -6.80 5.15 -3.95
CA VAL A 13 -5.59 5.90 -3.68
C VAL A 13 -4.77 6.03 -4.96
N LYS A 14 -4.10 7.16 -5.11
CA LYS A 14 -3.24 7.40 -6.27
C LYS A 14 -2.15 6.33 -6.36
N ASN A 15 -2.28 5.43 -7.32
CA ASN A 15 -1.28 4.39 -7.52
C ASN A 15 -1.34 3.85 -8.95
N ASP A 16 -0.23 3.28 -9.39
CA ASP A 16 -0.18 2.53 -10.63
C ASP A 16 0.24 1.11 -10.30
N SER A 17 -0.40 0.13 -10.89
CA SER A 17 -0.02 -1.25 -10.66
C SER A 17 0.34 -1.95 -11.96
N TYR A 18 1.34 -2.81 -11.88
CA TYR A 18 1.81 -3.58 -13.02
C TYR A 18 2.10 -5.00 -12.56
N GLU A 19 1.81 -5.97 -13.40
CA GLU A 19 2.19 -7.34 -13.10
C GLU A 19 3.37 -7.71 -13.98
N LYS A 20 4.56 -7.65 -13.40
CA LYS A 20 5.77 -7.91 -14.16
C LYS A 20 6.17 -9.36 -13.99
N GLY A 21 6.17 -10.09 -15.08
CA GLY A 21 6.26 -11.54 -15.01
C GLY A 21 4.89 -12.13 -14.74
N PRO A 22 4.57 -13.28 -15.33
CA PRO A 22 3.23 -13.88 -15.21
C PRO A 22 2.82 -14.18 -13.77
N ASP A 23 3.80 -14.33 -12.88
CA ASP A 23 3.53 -14.76 -11.53
C ASP A 23 4.00 -13.72 -10.52
N SER A 24 4.38 -12.55 -11.02
CA SER A 24 4.91 -11.50 -10.18
C SER A 24 4.25 -10.17 -10.52
N VAL A 25 4.17 -9.30 -9.53
CA VAL A 25 3.46 -8.03 -9.66
C VAL A 25 4.23 -6.94 -8.93
N VAL A 26 4.39 -5.79 -9.56
CA VAL A 26 5.00 -4.65 -8.92
C VAL A 26 4.07 -3.45 -8.99
N VAL A 27 3.65 -2.98 -7.84
CA VAL A 27 2.74 -1.86 -7.77
C VAL A 27 3.44 -0.65 -7.18
N HIS A 28 3.02 0.52 -7.63
CA HIS A 28 3.64 1.75 -7.23
C HIS A 28 2.57 2.71 -6.74
N VAL A 29 2.58 2.99 -5.45
CA VAL A 29 1.59 3.88 -4.87
C VAL A 29 2.21 5.24 -4.61
N TYR A 30 1.39 6.27 -4.69
CA TYR A 30 1.89 7.62 -4.55
C TYR A 30 1.29 8.27 -3.32
N VAL A 31 2.09 8.31 -2.26
CA VAL A 31 1.67 8.98 -1.04
C VAL A 31 2.64 10.11 -0.73
N LYS A 32 2.12 11.32 -0.77
CA LYS A 32 2.94 12.51 -0.56
C LYS A 32 2.63 13.16 0.76
N GLU A 33 3.63 13.84 1.33
CA GLU A 33 3.46 14.62 2.55
C GLU A 33 2.97 13.74 3.69
N ILE A 34 3.55 12.55 3.76
CA ILE A 34 3.19 11.57 4.76
C ILE A 34 3.68 11.98 6.15
N CYS A 35 2.82 11.79 7.14
CA CYS A 35 3.24 11.89 8.52
C CYS A 35 3.90 10.57 8.91
N ARG A 36 5.22 10.53 8.74
CA ARG A 36 6.00 9.30 8.93
C ARG A 36 5.91 8.80 10.37
N ASP A 37 5.52 9.69 11.27
CA ASP A 37 5.35 9.36 12.68
C ASP A 37 4.27 8.31 12.87
N THR A 38 3.32 8.31 11.96
CA THR A 38 2.14 7.48 12.09
C THR A 38 2.04 6.50 10.94
N SER A 39 2.85 6.72 9.91
CA SER A 39 2.85 5.88 8.73
C SER A 39 3.32 4.47 9.07
N ARG A 40 2.39 3.53 8.97
CA ARG A 40 2.62 2.17 9.39
C ARG A 40 1.96 1.21 8.42
N VAL A 41 2.54 0.03 8.24
CA VAL A 41 1.95 -0.97 7.39
C VAL A 41 1.86 -2.32 8.12
N LEU A 42 0.66 -2.86 8.20
CA LEU A 42 0.45 -4.16 8.79
C LEU A 42 0.15 -5.14 7.67
N PHE A 43 1.08 -6.03 7.39
CA PHE A 43 0.96 -6.92 6.26
C PHE A 43 1.08 -8.37 6.66
N ARG A 44 0.46 -9.24 5.89
CA ARG A 44 0.57 -10.67 6.10
C ARG A 44 0.64 -11.37 4.74
N GLU A 45 0.51 -12.70 4.75
CA GLU A 45 0.62 -13.54 3.55
C GLU A 45 0.16 -12.87 2.26
N GLN A 46 -1.13 -12.54 2.17
CA GLN A 46 -1.65 -11.95 0.94
C GLN A 46 -2.33 -10.60 1.14
N ASP A 47 -2.58 -10.21 2.37
CA ASP A 47 -3.26 -8.94 2.61
C ASP A 47 -2.50 -8.04 3.56
N PHE A 48 -2.71 -6.76 3.38
CA PHE A 48 -2.01 -5.74 4.15
C PHE A 48 -2.90 -4.52 4.37
N THR A 49 -2.63 -3.81 5.46
CA THR A 49 -3.33 -2.58 5.77
C THR A 49 -2.32 -1.46 6.02
N LEU A 50 -2.40 -0.42 5.20
CA LEU A 50 -1.53 0.74 5.35
C LEU A 50 -2.25 1.81 6.15
N ILE A 51 -1.71 2.16 7.30
CA ILE A 51 -2.30 3.18 8.15
C ILE A 51 -1.33 4.34 8.31
N PHE A 52 -1.77 5.54 7.95
CA PHE A 52 -0.91 6.71 8.00
C PHE A 52 -1.71 8.00 8.05
N GLN A 53 -1.06 9.06 8.45
CA GLN A 53 -1.63 10.39 8.35
C GLN A 53 -0.85 11.16 7.30
N THR A 54 -1.48 12.12 6.67
CA THR A 54 -0.84 12.86 5.61
C THR A 54 -1.48 14.24 5.50
N ARG A 55 -0.88 15.15 4.75
CA ARG A 55 -1.50 16.46 4.56
C ARG A 55 -1.58 16.81 3.09
N ASP A 56 -2.81 16.91 2.60
CA ASP A 56 -3.08 17.31 1.23
C ASP A 56 -3.84 18.61 1.24
N GLY A 57 -3.14 19.68 0.86
CA GLY A 57 -3.61 21.03 1.12
C GLY A 57 -4.99 21.32 0.61
N ASN A 58 -5.30 20.84 -0.58
CA ASN A 58 -6.61 21.11 -1.20
C ASN A 58 -7.73 20.39 -0.44
N PHE A 59 -7.49 19.15 -0.05
CA PHE A 59 -8.50 18.37 0.65
C PHE A 59 -8.66 18.86 2.08
N LEU A 60 -7.54 19.06 2.77
CA LEU A 60 -7.57 19.51 4.16
C LEU A 60 -8.16 20.91 4.26
N ARG A 61 -7.96 21.71 3.21
CA ARG A 61 -8.48 23.07 3.18
C ARG A 61 -10.00 23.05 3.21
N LEU A 62 -10.58 22.00 2.62
CA LEU A 62 -12.03 21.83 2.61
C LEU A 62 -12.53 21.29 3.93
N HIS A 63 -11.65 20.63 4.68
CA HIS A 63 -12.02 20.02 5.95
C HIS A 63 -11.07 20.49 7.04
N PRO A 64 -11.37 21.62 7.69
CA PRO A 64 -10.49 22.18 8.73
C PRO A 64 -10.15 21.14 9.78
N GLY A 65 -8.86 20.94 10.00
CA GLY A 65 -8.41 19.96 10.96
C GLY A 65 -8.03 18.64 10.34
N CYS A 66 -8.47 18.38 9.10
CA CYS A 66 -8.18 17.11 8.46
C CYS A 66 -6.68 16.98 8.23
N GLY A 67 -6.16 15.76 8.41
CA GLY A 67 -4.74 15.55 8.34
C GLY A 67 -4.18 15.12 9.68
N PRO A 68 -3.85 16.09 10.56
CA PRO A 68 -3.36 15.79 11.92
C PRO A 68 -4.42 15.10 12.78
N HIS A 69 -5.69 15.40 12.52
CA HIS A 69 -6.79 14.76 13.23
C HIS A 69 -7.18 13.46 12.55
N THR A 70 -6.98 13.41 11.24
CA THR A 70 -7.51 12.30 10.46
C THR A 70 -6.43 11.29 10.11
N THR A 71 -6.56 10.10 10.66
CA THR A 71 -5.70 9.00 10.27
C THR A 71 -6.36 8.22 9.13
N PHE A 72 -5.62 8.00 8.06
CA PHE A 72 -6.14 7.31 6.89
C PHE A 72 -5.63 5.88 6.85
N ARG A 73 -6.40 5.01 6.23
CA ARG A 73 -6.05 3.61 6.13
C ARG A 73 -6.42 3.05 4.76
N TRP A 74 -5.58 2.16 4.25
CA TRP A 74 -5.87 1.46 3.02
C TRP A 74 -5.64 -0.04 3.23
N GLN A 75 -6.64 -0.83 2.95
CA GLN A 75 -6.58 -2.26 3.19
C GLN A 75 -6.90 -3.01 1.90
N VAL A 76 -5.94 -3.78 1.42
CA VAL A 76 -6.15 -4.61 0.24
C VAL A 76 -5.91 -6.08 0.55
N LYS A 77 -6.88 -6.91 0.18
CA LYS A 77 -6.70 -8.35 0.24
C LYS A 77 -6.49 -8.89 -1.16
N LEU A 78 -5.29 -9.36 -1.43
CA LEU A 78 -4.96 -9.90 -2.73
C LEU A 78 -5.02 -11.42 -2.61
N ARG A 79 -5.67 -12.08 -3.53
CA ARG A 79 -5.86 -13.52 -3.41
C ARG A 79 -4.66 -14.25 -3.99
N ASN A 80 -4.35 -15.42 -3.42
CA ASN A 80 -3.13 -16.17 -3.73
C ASN A 80 -1.93 -15.47 -3.11
N LEU A 81 -1.68 -15.78 -1.85
CA LEU A 81 -0.59 -15.19 -1.06
C LEU A 81 0.77 -15.29 -1.75
N ILE A 82 1.69 -14.45 -1.26
CA ILE A 82 3.04 -14.33 -1.81
C ILE A 82 4.07 -14.80 -0.80
N GLU A 83 5.32 -14.85 -1.25
CA GLU A 83 6.41 -15.16 -0.33
C GLU A 83 7.15 -13.88 0.01
N PRO A 84 6.73 -13.17 1.08
CA PRO A 84 7.31 -11.87 1.45
C PRO A 84 8.82 -11.94 1.57
N GLU A 85 9.32 -13.09 1.99
CA GLU A 85 10.74 -13.29 2.18
C GLU A 85 11.50 -13.22 0.86
N GLN A 86 10.81 -13.60 -0.22
CA GLN A 86 11.40 -13.54 -1.55
C GLN A 86 11.15 -12.17 -2.15
N CYS A 87 10.12 -11.50 -1.66
CA CYS A 87 9.69 -10.25 -2.20
C CYS A 87 10.39 -9.11 -1.50
N THR A 88 10.21 -7.92 -2.02
CA THR A 88 10.89 -6.77 -1.47
C THR A 88 9.96 -5.56 -1.51
N PHE A 89 10.29 -4.58 -0.71
CA PHE A 89 9.56 -3.33 -0.68
C PHE A 89 10.53 -2.19 -0.87
N CYS A 90 10.02 -1.06 -1.27
CA CYS A 90 10.85 0.05 -1.68
C CYS A 90 10.17 1.38 -1.37
N PHE A 91 10.88 2.25 -0.68
CA PHE A 91 10.31 3.53 -0.31
C PHE A 91 11.17 4.67 -0.81
N THR A 92 10.60 5.54 -1.63
CA THR A 92 11.30 6.71 -2.11
C THR A 92 10.80 7.95 -1.36
N ALA A 93 11.26 9.12 -1.78
CA ALA A 93 10.96 10.35 -1.07
C ALA A 93 9.47 10.67 -1.14
N SER A 94 8.88 10.47 -2.30
CA SER A 94 7.50 10.84 -2.53
C SER A 94 6.64 9.65 -2.95
N ARG A 95 7.28 8.56 -3.32
CA ARG A 95 6.56 7.42 -3.87
C ARG A 95 6.89 6.12 -3.14
N ILE A 96 5.97 5.16 -3.22
CA ILE A 96 6.19 3.85 -2.62
C ILE A 96 6.21 2.74 -3.68
N ASP A 97 7.30 2.01 -3.72
CA ASP A 97 7.50 0.93 -4.70
C ASP A 97 7.41 -0.43 -4.02
N ILE A 98 6.61 -1.35 -4.55
CA ILE A 98 6.55 -2.69 -3.99
C ILE A 98 6.64 -3.76 -5.07
N CYS A 99 7.44 -4.80 -4.84
CA CYS A 99 7.53 -5.93 -5.77
C CYS A 99 7.09 -7.23 -5.10
N LEU A 100 6.00 -7.80 -5.60
CA LEU A 100 5.38 -8.99 -5.03
C LEU A 100 5.57 -10.20 -5.93
N ARG A 101 5.99 -11.33 -5.35
CA ARG A 101 6.20 -12.57 -6.11
C ARG A 101 5.48 -13.73 -5.43
N LYS A 102 4.73 -14.51 -6.21
CA LYS A 102 4.02 -15.65 -5.64
C LYS A 102 4.46 -16.95 -6.31
N ARG A 103 5.77 -17.13 -6.45
CA ARG A 103 6.33 -18.29 -7.14
C ARG A 103 5.95 -19.58 -6.43
N GLN A 104 6.09 -19.59 -5.12
CA GLN A 104 5.68 -20.73 -4.32
C GLN A 104 4.21 -20.58 -3.94
N SER A 105 3.80 -19.33 -3.80
CA SER A 105 2.42 -18.95 -3.46
C SER A 105 2.07 -19.41 -2.05
N GLN A 106 3.07 -19.84 -1.31
CA GLN A 106 2.91 -20.20 0.08
C GLN A 106 3.81 -19.32 0.93
N ARG A 107 3.33 -18.95 2.10
CA ARG A 107 4.10 -18.07 2.97
C ARG A 107 5.14 -18.90 3.72
N TRP A 108 6.40 -18.67 3.41
CA TRP A 108 7.49 -19.39 4.05
C TRP A 108 8.66 -18.44 4.26
N GLY A 109 9.39 -18.63 5.35
CA GLY A 109 10.50 -17.77 5.68
C GLY A 109 11.76 -18.13 4.90
N GLY A 110 12.56 -17.11 4.58
CA GLY A 110 13.74 -17.32 3.78
C GLY A 110 14.93 -17.78 4.60
N LEU A 111 14.66 -18.62 5.58
CA LEU A 111 15.70 -19.19 6.42
C LEU A 111 16.32 -20.39 5.73
N GLU A 112 15.53 -21.43 5.58
CA GLU A 112 15.98 -22.65 4.93
C GLU A 112 14.90 -23.21 4.01
N ALA A 113 15.33 -23.64 2.83
CA ALA A 113 14.43 -24.29 1.89
C ALA A 113 14.63 -25.80 1.95
N PRO A 114 13.54 -26.57 2.00
CA PRO A 114 13.59 -28.04 2.06
C PRO A 114 13.97 -28.66 0.71
#